data_3BPW
#
_entry.id   3BPW
#
_cell.length_a   80.902
_cell.length_b   83.582
_cell.length_c   89.793
_cell.angle_alpha   90.00
_cell.angle_beta   90.00
_cell.angle_gamma   90.00
#
_symmetry.space_group_name_H-M   'P 21 21 2'
#
loop_
_entity.id
_entity.type
_entity.pdbx_description
1 polymer "Orotidine 5'-phosphate decarboxylase"
2 non-polymer "XANTHOSINE-5'-MONOPHOSPHATE"
3 non-polymer DI(HYDROXYETHYL)ETHER
4 non-polymer 'PHOSPHATE ION'
5 water water
#
_entity_poly.entity_id   1
_entity_poly.type   'polypeptide(L)'
_entity_poly.pdbx_seq_one_letter_code
;MGSSHHHHHHSSGLVPRGSMGFKVKLEKRRNAINTCLCIGLDPDEKDIENFMKNEKENNYNNIKKNLKEKYINNVSIKKD
ILLKAPDNIIREEKSEEFFYFFNHFCFYIINETNKYALTFKMNFAFYIPYGSVGIDVLKNVFDYLYELNIPTILDMKIND
IGNTVKNYRKFIFEYLKSDSCTVNIYMGTNMLKDICYDEEKNKYYSAFVLVKTTNPDSAIFQKNLSLDNKQAYVIMAQEA
LNMSSYLNLEQNNEFIGFVVGANSYDEMNYIRTYFPNCYILSPGIGAQNGDLHKTLTNGYHKSYEKILINIGRAITKNPY
PQKAAQMYYDQINAILKQNMES
;
_entity_poly.pdbx_strand_id   A,B
#
loop_
_chem_comp.id
_chem_comp.type
_chem_comp.name
_chem_comp.formula
PEG non-polymer DI(HYDROXYETHYL)ETHER 'C4 H10 O3'
PO4 non-polymer 'PHOSPHATE ION' 'O4 P -3'
XMP non-polymer XANTHOSINE-5'-MONOPHOSPHATE 'C10 H14 N4 O9 P 1'
#
# COMPACT_ATOMS: atom_id res chain seq x y z
N GLY A 13 -34.70 -18.62 2.76
CA GLY A 13 -33.39 -19.20 2.33
C GLY A 13 -32.53 -18.25 1.52
N LEU A 14 -33.04 -17.04 1.29
CA LEU A 14 -32.39 -16.03 0.45
C LEU A 14 -31.64 -15.00 1.30
N VAL A 15 -30.38 -14.75 0.95
CA VAL A 15 -29.59 -13.66 1.53
C VAL A 15 -29.51 -12.48 0.56
N PRO A 16 -29.74 -11.26 1.07
CA PRO A 16 -29.65 -10.05 0.21
C PRO A 16 -28.22 -9.57 -0.11
N ARG A 17 -28.08 -8.85 -1.22
CA ARG A 17 -26.78 -8.29 -1.64
C ARG A 17 -26.04 -7.64 -0.46
N GLY A 18 -24.79 -8.04 -0.27
CA GLY A 18 -23.92 -7.47 0.77
C GLY A 18 -24.04 -8.18 2.11
N SER A 19 -24.98 -9.12 2.21
CA SER A 19 -25.28 -9.75 3.50
C SER A 19 -24.94 -11.24 3.53
N MET A 20 -23.67 -11.52 3.26
CA MET A 20 -23.17 -12.88 3.24
C MET A 20 -21.65 -12.84 3.15
N GLY A 21 -21.02 -13.91 3.61
CA GLY A 21 -19.57 -14.02 3.48
C GLY A 21 -19.06 -14.19 2.05
N PHE A 22 -17.80 -13.83 1.84
CA PHE A 22 -17.24 -13.84 0.50
C PHE A 22 -17.24 -15.23 -0.13
N LYS A 23 -17.06 -16.27 0.69
CA LYS A 23 -17.14 -17.62 0.13
C LYS A 23 -18.46 -17.86 -0.59
N VAL A 24 -19.53 -17.43 0.06
CA VAL A 24 -20.90 -17.61 -0.43
C VAL A 24 -21.16 -16.72 -1.66
N LYS A 25 -20.66 -15.50 -1.58
CA LYS A 25 -20.84 -14.55 -2.69
C LYS A 25 -20.12 -15.09 -3.92
N LEU A 26 -18.90 -15.58 -3.77
CA LEU A 26 -18.16 -16.15 -4.92
C LEU A 26 -18.82 -17.38 -5.52
N GLU A 27 -19.25 -18.29 -4.64
CA GLU A 27 -19.90 -19.52 -5.09
C GLU A 27 -21.16 -19.18 -5.89
N LYS A 28 -21.95 -18.26 -5.38
CA LYS A 28 -23.22 -17.90 -6.02
C LYS A 28 -22.95 -17.29 -7.39
N ARG A 29 -21.96 -16.41 -7.48
CA ARG A 29 -21.65 -15.79 -8.77
C ARG A 29 -21.06 -16.79 -9.76
N ARG A 30 -20.25 -17.72 -9.26
CA ARG A 30 -19.73 -18.77 -10.11
C ARG A 30 -20.85 -19.68 -10.60
N ASN A 31 -21.86 -19.94 -9.78
CA ASN A 31 -23.01 -20.69 -10.30
C ASN A 31 -23.81 -19.92 -11.36
N ALA A 32 -23.80 -18.61 -11.24
CA ALA A 32 -24.55 -17.73 -12.12
C ALA A 32 -23.88 -17.70 -13.49
N ILE A 33 -22.58 -17.45 -13.52
CA ILE A 33 -21.95 -17.17 -14.81
C ILE A 33 -20.94 -18.19 -15.31
N ASN A 34 -20.65 -19.17 -14.46
CA ASN A 34 -19.91 -20.34 -14.88
C ASN A 34 -18.55 -20.02 -15.49
N THR A 35 -17.77 -19.21 -14.78
CA THR A 35 -16.40 -18.93 -15.20
C THR A 35 -15.50 -18.67 -14.00
N CYS A 36 -14.19 -18.58 -14.24
CA CYS A 36 -13.27 -18.12 -13.21
C CYS A 36 -12.46 -16.90 -13.64
N LEU A 37 -12.91 -16.25 -14.71
CA LEU A 37 -12.29 -15.00 -15.15
C LEU A 37 -12.32 -13.94 -14.06
N CYS A 38 -11.15 -13.37 -13.74
CA CYS A 38 -11.03 -12.20 -12.88
C CYS A 38 -10.55 -11.04 -13.75
N ILE A 39 -11.37 -10.00 -13.90
CA ILE A 39 -10.96 -8.89 -14.77
C ILE A 39 -10.17 -7.89 -13.94
N GLY A 40 -8.94 -7.60 -14.35
CA GLY A 40 -8.11 -6.63 -13.63
C GLY A 40 -8.34 -5.23 -14.16
N LEU A 41 -8.56 -4.28 -13.27
CA LEU A 41 -8.82 -2.90 -13.66
C LEU A 41 -7.70 -1.98 -13.14
N ASP A 42 -6.68 -1.85 -13.98
CA ASP A 42 -5.46 -1.13 -13.62
C ASP A 42 -5.25 0.00 -14.66
N PRO A 43 -6.02 1.11 -14.57
CA PRO A 43 -5.89 2.12 -15.63
C PRO A 43 -4.62 2.97 -15.44
N ASP A 44 -3.81 3.05 -16.49
CA ASP A 44 -2.62 3.90 -16.40
C ASP A 44 -2.89 5.26 -17.04
N GLU A 45 -1.91 6.15 -16.93
CA GLU A 45 -2.07 7.51 -17.44
C GLU A 45 -2.39 7.49 -18.92
N LYS A 46 -1.76 6.61 -19.69
CA LYS A 46 -2.05 6.50 -21.13
C LYS A 46 -3.50 6.10 -21.40
N ASP A 47 -4.01 5.16 -20.62
CA ASP A 47 -5.40 4.72 -20.76
C ASP A 47 -6.39 5.85 -20.54
N ILE A 48 -6.15 6.64 -19.49
CA ILE A 48 -7.04 7.75 -19.14
C ILE A 48 -6.99 8.78 -20.26
N GLU A 49 -5.77 9.14 -20.66
N GLU A 49 -5.78 9.16 -20.70
CA GLU A 49 -5.53 10.10 -21.73
CA GLU A 49 -5.65 10.17 -21.74
C GLU A 49 -6.21 9.66 -23.01
C GLU A 49 -6.21 9.69 -23.07
N ASN A 50 -6.01 8.39 -23.38
N ASN A 50 -6.03 8.42 -23.40
CA ASN A 50 -6.57 7.84 -24.60
CA ASN A 50 -6.59 7.87 -24.62
C ASN A 50 -8.11 7.83 -24.57
C ASN A 50 -8.12 7.85 -24.57
N PHE A 51 -8.69 7.49 -23.41
CA PHE A 51 -10.13 7.52 -23.20
C PHE A 51 -10.65 8.95 -23.41
N MET A 52 -9.99 9.93 -22.80
CA MET A 52 -10.42 11.33 -22.97
C MET A 52 -10.34 11.75 -24.44
N LYS A 53 -9.24 11.42 -25.11
CA LYS A 53 -9.06 11.73 -26.53
C LYS A 53 -10.15 11.10 -27.40
N ASN A 54 -10.36 9.79 -27.27
CA ASN A 54 -11.37 9.03 -27.99
C ASN A 54 -12.79 9.55 -27.77
N GLU A 55 -13.12 9.86 -26.53
CA GLU A 55 -14.46 10.40 -26.23
C GLU A 55 -14.66 11.79 -26.84
N LYS A 56 -13.61 12.61 -26.75
CA LYS A 56 -13.67 13.95 -27.37
C LYS A 56 -13.86 13.84 -28.88
N GLU A 57 -13.33 12.79 -29.49
CA GLU A 57 -13.45 12.61 -30.93
C GLU A 57 -14.77 12.00 -31.38
N ASN A 58 -15.51 11.41 -30.43
CA ASN A 58 -16.73 10.67 -30.77
C ASN A 58 -17.95 11.17 -30.02
N ASN A 59 -17.88 12.44 -29.65
CA ASN A 59 -18.93 13.10 -28.88
C ASN A 59 -19.37 12.29 -27.66
N TYR A 60 -18.37 11.73 -26.97
CA TYR A 60 -18.60 11.15 -25.65
C TYR A 60 -19.63 10.02 -25.61
N ASN A 61 -19.68 9.22 -26.66
N ASN A 61 -19.71 9.20 -26.64
CA ASN A 61 -20.59 8.08 -26.76
CA ASN A 61 -20.71 8.12 -26.66
C ASN A 61 -20.62 7.22 -25.50
C ASN A 61 -20.63 7.20 -25.45
N ASN A 62 -19.43 6.85 -25.03
CA ASN A 62 -19.33 5.94 -23.88
C ASN A 62 -19.67 6.58 -22.55
N ILE A 63 -19.30 7.85 -22.40
CA ILE A 63 -19.64 8.57 -21.20
C ILE A 63 -21.17 8.71 -21.12
N LYS A 64 -21.80 9.06 -22.23
CA LYS A 64 -23.25 9.21 -22.21
C LYS A 64 -23.92 7.88 -21.86
N LYS A 65 -23.36 6.77 -22.31
CA LYS A 65 -23.87 5.48 -21.88
C LYS A 65 -23.62 5.20 -20.39
N ASN A 66 -22.44 5.53 -19.88
CA ASN A 66 -22.24 5.48 -18.42
C ASN A 66 -23.35 6.23 -17.66
N LEU A 67 -23.72 7.40 -18.19
CA LEU A 67 -24.63 8.32 -17.49
C LEU A 67 -26.07 7.82 -17.45
N LYS A 68 -26.35 6.80 -18.26
CA LYS A 68 -27.65 6.12 -18.35
C LYS A 68 -27.80 5.09 -17.24
N GLU A 69 -26.67 4.65 -16.68
CA GLU A 69 -26.71 3.48 -15.81
C GLU A 69 -27.20 3.87 -14.42
N LYS A 70 -28.12 3.09 -13.87
CA LYS A 70 -28.80 3.49 -12.63
C LYS A 70 -27.84 3.72 -11.46
N TYR A 71 -26.84 2.86 -11.32
CA TYR A 71 -26.05 2.91 -10.09
C TYR A 71 -24.99 4.00 -10.05
N ILE A 72 -24.84 4.75 -11.14
CA ILE A 72 -23.92 5.87 -11.10
C ILE A 72 -24.45 6.90 -10.09
N ASN A 73 -25.76 6.85 -9.83
CA ASN A 73 -26.38 7.72 -8.83
C ASN A 73 -26.15 7.32 -7.37
N ASN A 74 -25.49 6.19 -7.21
CA ASN A 74 -25.29 5.61 -5.89
C ASN A 74 -23.83 5.67 -5.45
N VAL A 75 -22.95 6.32 -6.22
CA VAL A 75 -21.55 6.37 -5.78
C VAL A 75 -21.36 7.52 -4.79
N SER A 76 -20.31 7.50 -3.98
CA SER A 76 -20.23 8.44 -2.84
C SER A 76 -19.64 9.81 -3.17
N ILE A 77 -18.67 9.85 -4.08
CA ILE A 77 -17.79 11.01 -4.19
C ILE A 77 -18.07 11.85 -5.44
N LYS A 78 -18.34 13.13 -5.21
CA LYS A 78 -18.56 14.10 -6.29
C LYS A 78 -19.52 13.66 -7.41
N LYS A 79 -20.69 13.11 -7.07
CA LYS A 79 -21.72 12.84 -8.08
C LYS A 79 -22.10 14.06 -8.93
N ASP A 80 -22.14 15.22 -8.28
CA ASP A 80 -22.41 16.53 -8.91
C ASP A 80 -21.50 16.74 -10.13
N ILE A 81 -20.25 16.32 -10.02
CA ILE A 81 -19.32 16.39 -11.11
C ILE A 81 -19.47 15.22 -12.09
N LEU A 82 -19.57 14.00 -11.57
CA LEU A 82 -19.63 12.82 -12.44
C LEU A 82 -20.83 12.84 -13.37
N LEU A 83 -21.91 13.46 -12.94
CA LEU A 83 -23.16 13.45 -13.67
C LEU A 83 -23.32 14.63 -14.65
N LYS A 84 -22.35 15.52 -14.67
CA LYS A 84 -22.36 16.64 -15.62
C LYS A 84 -22.15 16.22 -17.06
N ALA A 85 -22.68 17.01 -18.00
CA ALA A 85 -22.39 16.80 -19.42
C ALA A 85 -20.89 16.95 -19.64
N PRO A 86 -20.28 16.05 -20.44
CA PRO A 86 -18.84 16.08 -20.68
C PRO A 86 -18.30 17.39 -21.26
N ASP A 87 -19.04 18.03 -22.16
CA ASP A 87 -18.55 19.32 -22.67
C ASP A 87 -18.60 20.42 -21.61
N ASN A 88 -19.48 20.28 -20.62
CA ASN A 88 -19.46 21.19 -19.47
C ASN A 88 -18.26 20.99 -18.56
N ILE A 89 -17.85 19.74 -18.40
CA ILE A 89 -16.63 19.48 -17.66
C ILE A 89 -15.46 20.19 -18.32
N ILE A 90 -15.31 19.99 -19.62
CA ILE A 90 -14.14 20.49 -20.32
C ILE A 90 -14.13 22.02 -20.28
N ARG A 91 -15.29 22.63 -20.51
CA ARG A 91 -15.37 24.08 -20.56
C ARG A 91 -15.45 24.78 -19.21
N GLU A 92 -16.17 24.19 -18.26
CA GLU A 92 -16.51 24.86 -17.00
C GLU A 92 -15.89 24.28 -15.74
N GLU A 93 -15.31 23.08 -15.83
CA GLU A 93 -14.80 22.38 -14.66
C GLU A 93 -13.42 21.83 -14.97
N LYS A 94 -12.53 22.68 -15.50
CA LYS A 94 -11.20 22.23 -15.93
C LYS A 94 -10.45 21.47 -14.84
N SER A 95 -10.56 21.92 -13.58
CA SER A 95 -9.79 21.27 -12.53
C SER A 95 -10.37 19.89 -12.15
N GLU A 96 -11.56 19.58 -12.66
CA GLU A 96 -12.18 18.26 -12.46
C GLU A 96 -12.08 17.32 -13.66
N GLU A 97 -11.50 17.81 -14.75
CA GLU A 97 -11.42 17.01 -15.98
C GLU A 97 -10.76 15.64 -15.79
N PHE A 98 -9.59 15.61 -15.17
CA PHE A 98 -8.88 14.36 -14.98
C PHE A 98 -9.71 13.43 -14.11
N PHE A 99 -10.21 13.93 -12.97
CA PHE A 99 -11.09 13.10 -12.12
C PHE A 99 -12.23 12.50 -12.97
N TYR A 100 -12.91 13.35 -13.74
CA TYR A 100 -14.10 12.89 -14.48
C TYR A 100 -13.77 11.81 -15.52
N PHE A 101 -12.74 12.05 -16.33
CA PHE A 101 -12.35 11.08 -17.36
C PHE A 101 -11.74 9.79 -16.80
N PHE A 102 -11.00 9.91 -15.70
CA PHE A 102 -10.46 8.73 -15.02
C PHE A 102 -11.64 7.89 -14.51
N ASN A 103 -12.58 8.54 -13.82
CA ASN A 103 -13.68 7.79 -13.23
C ASN A 103 -14.53 7.19 -14.34
N HIS A 104 -14.78 7.97 -15.40
CA HIS A 104 -15.61 7.46 -16.48
C HIS A 104 -14.96 6.33 -17.27
N PHE A 105 -13.64 6.35 -17.39
CA PHE A 105 -12.95 5.23 -18.02
C PHE A 105 -13.23 3.96 -17.22
N CYS A 106 -13.08 4.02 -15.89
CA CYS A 106 -13.35 2.87 -15.05
C CYS A 106 -14.78 2.38 -15.19
N PHE A 107 -15.75 3.31 -15.14
CA PHE A 107 -17.16 2.90 -15.24
C PHE A 107 -17.43 2.24 -16.60
N TYR A 108 -16.81 2.79 -17.65
CA TYR A 108 -16.91 2.24 -19.03
C TYR A 108 -16.42 0.81 -19.10
N ILE A 109 -15.22 0.55 -18.58
CA ILE A 109 -14.72 -0.83 -18.56
C ILE A 109 -15.65 -1.76 -17.79
N ILE A 110 -16.06 -1.34 -16.59
CA ILE A 110 -16.99 -2.16 -15.80
C ILE A 110 -18.30 -2.41 -16.55
N ASN A 111 -18.87 -1.36 -17.14
CA ASN A 111 -20.15 -1.56 -17.80
C ASN A 111 -20.01 -2.52 -18.98
N GLU A 112 -18.92 -2.35 -19.72
CA GLU A 112 -18.71 -3.19 -20.90
C GLU A 112 -18.40 -4.66 -20.58
N THR A 113 -17.79 -4.93 -19.44
CA THR A 113 -17.23 -6.28 -19.24
C THR A 113 -17.80 -7.09 -18.06
N ASN A 114 -18.55 -6.44 -17.18
CA ASN A 114 -18.91 -7.08 -15.91
C ASN A 114 -19.69 -8.38 -16.08
N LYS A 115 -20.41 -8.53 -17.19
CA LYS A 115 -21.27 -9.70 -17.33
C LYS A 115 -20.41 -10.98 -17.48
N TYR A 116 -19.10 -10.81 -17.73
CA TYR A 116 -18.15 -11.91 -17.91
C TYR A 116 -17.25 -12.18 -16.72
N ALA A 117 -17.35 -11.32 -15.71
CA ALA A 117 -16.38 -11.33 -14.63
C ALA A 117 -16.92 -12.08 -13.42
N LEU A 118 -16.18 -13.10 -13.00
CA LEU A 118 -16.41 -13.65 -11.67
C LEU A 118 -16.02 -12.63 -10.58
N THR A 119 -14.95 -11.89 -10.83
N THR A 119 -14.91 -11.94 -10.79
CA THR A 119 -14.48 -10.88 -9.86
CA THR A 119 -14.41 -10.92 -9.86
C THR A 119 -13.74 -9.79 -10.62
C THR A 119 -13.82 -9.76 -10.67
N PHE A 120 -13.66 -8.60 -10.02
CA PHE A 120 -12.76 -7.55 -10.54
C PHE A 120 -11.64 -7.40 -9.53
N LYS A 121 -10.40 -7.27 -10.01
CA LYS A 121 -9.26 -6.95 -9.15
C LYS A 121 -8.73 -5.57 -9.52
N MET A 122 -8.67 -4.67 -8.56
CA MET A 122 -8.17 -3.30 -8.80
C MET A 122 -6.82 -3.21 -8.11
N ASN A 123 -5.76 -2.85 -8.84
CA ASN A 123 -4.46 -2.71 -8.18
C ASN A 123 -4.28 -1.30 -7.64
N PHE A 124 -4.19 -1.21 -6.32
CA PHE A 124 -4.08 0.09 -5.64
C PHE A 124 -3.05 1.06 -6.27
N ALA A 125 -1.94 0.49 -6.75
CA ALA A 125 -0.79 1.27 -7.26
C ALA A 125 -1.23 2.23 -8.36
N PHE A 126 -2.21 1.81 -9.15
CA PHE A 126 -2.68 2.65 -10.27
C PHE A 126 -3.53 3.84 -9.86
N TYR A 127 -4.06 3.80 -8.64
CA TYR A 127 -4.98 4.82 -8.17
C TYR A 127 -4.38 5.89 -7.29
N ILE A 128 -3.12 5.68 -6.90
CA ILE A 128 -2.44 6.58 -5.96
C ILE A 128 -1.47 7.62 -6.57
N PRO A 129 -0.99 7.42 -7.82
CA PRO A 129 0.14 8.27 -8.25
C PRO A 129 -0.14 9.74 -8.55
N TYR A 130 -1.42 10.13 -8.58
CA TYR A 130 -1.80 11.53 -8.77
C TYR A 130 -2.22 12.17 -7.46
N GLY A 131 -2.03 11.48 -6.34
CA GLY A 131 -2.50 11.95 -5.04
C GLY A 131 -3.96 11.60 -4.79
N SER A 132 -4.67 12.44 -4.05
CA SER A 132 -6.02 12.11 -3.60
C SER A 132 -7.02 11.81 -4.72
N VAL A 133 -6.91 12.50 -5.86
CA VAL A 133 -7.94 12.35 -6.90
C VAL A 133 -8.19 10.88 -7.31
N GLY A 134 -7.15 10.07 -7.48
CA GLY A 134 -7.36 8.66 -7.81
C GLY A 134 -8.00 7.82 -6.71
N ILE A 135 -7.90 8.25 -5.46
CA ILE A 135 -8.53 7.55 -4.35
C ILE A 135 -10.03 7.83 -4.35
N ASP A 136 -10.42 9.04 -4.71
CA ASP A 136 -11.84 9.31 -4.98
C ASP A 136 -12.34 8.40 -6.08
N VAL A 137 -11.59 8.30 -7.18
CA VAL A 137 -12.00 7.39 -8.26
C VAL A 137 -12.13 5.96 -7.73
N LEU A 138 -11.12 5.51 -6.99
CA LEU A 138 -11.13 4.13 -6.46
C LEU A 138 -12.35 3.85 -5.57
N LYS A 139 -12.65 4.81 -4.69
CA LYS A 139 -13.82 4.74 -3.83
C LYS A 139 -15.10 4.61 -4.67
N ASN A 140 -15.24 5.45 -5.69
CA ASN A 140 -16.41 5.33 -6.57
C ASN A 140 -16.48 3.99 -7.31
N VAL A 141 -15.34 3.49 -7.79
CA VAL A 141 -15.28 2.19 -8.44
C VAL A 141 -15.76 1.08 -7.51
N PHE A 142 -15.28 1.08 -6.26
CA PHE A 142 -15.75 0.08 -5.30
C PHE A 142 -17.22 0.22 -4.95
N ASP A 143 -17.71 1.46 -4.81
CA ASP A 143 -19.12 1.73 -4.55
C ASP A 143 -19.97 1.18 -5.70
N TYR A 144 -19.48 1.42 -6.93
CA TYR A 144 -20.20 1.00 -8.12
C TYR A 144 -20.25 -0.52 -8.22
N LEU A 145 -19.11 -1.19 -8.07
CA LEU A 145 -19.09 -2.65 -8.02
C LEU A 145 -19.96 -3.25 -6.90
N TYR A 146 -20.02 -2.56 -5.76
CA TYR A 146 -20.84 -3.05 -4.66
C TYR A 146 -22.31 -2.99 -5.06
N GLU A 147 -22.70 -1.92 -5.73
CA GLU A 147 -24.08 -1.79 -6.18
C GLU A 147 -24.47 -2.83 -7.23
N LEU A 148 -23.54 -3.11 -8.15
CA LEU A 148 -23.71 -4.18 -9.16
C LEU A 148 -23.57 -5.58 -8.58
N ASN A 149 -23.09 -5.68 -7.35
CA ASN A 149 -22.90 -6.95 -6.65
C ASN A 149 -21.84 -7.83 -7.31
N ILE A 150 -20.77 -7.23 -7.84
CA ILE A 150 -19.67 -7.98 -8.45
C ILE A 150 -18.56 -8.17 -7.41
N PRO A 151 -18.11 -9.42 -7.17
CA PRO A 151 -17.05 -9.69 -6.19
C PRO A 151 -15.79 -8.88 -6.51
N THR A 152 -15.15 -8.42 -5.45
CA THR A 152 -14.03 -7.48 -5.58
C THR A 152 -12.77 -7.95 -4.85
N ILE A 153 -11.62 -7.59 -5.43
CA ILE A 153 -10.33 -7.79 -4.78
C ILE A 153 -9.56 -6.50 -4.90
N LEU A 154 -9.04 -5.98 -3.78
CA LEU A 154 -8.12 -4.83 -3.80
C LEU A 154 -6.70 -5.42 -3.76
N ASP A 155 -5.96 -5.26 -4.85
CA ASP A 155 -4.60 -5.78 -4.96
C ASP A 155 -3.68 -4.67 -4.46
N MET A 156 -3.24 -4.80 -3.21
CA MET A 156 -2.39 -3.80 -2.54
C MET A 156 -1.16 -4.41 -1.84
N LYS A 157 -1.17 -5.74 -1.71
CA LYS A 157 -0.04 -6.49 -1.14
C LYS A 157 0.37 -5.88 0.21
N ILE A 158 -0.65 -5.61 1.02
CA ILE A 158 -0.41 -4.90 2.26
C ILE A 158 0.43 -5.72 3.25
N ASN A 159 1.19 -4.97 4.04
CA ASN A 159 1.95 -5.54 5.15
C ASN A 159 2.41 -4.49 6.16
N ASP A 160 2.29 -4.82 7.44
CA ASP A 160 2.85 -3.97 8.50
C ASP A 160 2.73 -4.69 9.83
N ILE A 161 3.11 -4.01 10.91
CA ILE A 161 2.81 -4.59 12.22
C ILE A 161 1.30 -4.44 12.50
N GLY A 162 0.78 -5.27 13.40
CA GLY A 162 -0.67 -5.29 13.68
C GLY A 162 -1.33 -3.94 13.92
N ASN A 163 -0.76 -3.12 14.82
CA ASN A 163 -1.37 -1.83 15.12
C ASN A 163 -1.51 -0.93 13.89
N THR A 164 -0.52 -0.99 12.99
CA THR A 164 -0.59 -0.19 11.77
C THR A 164 -1.52 -0.84 10.74
N VAL A 165 -1.41 -2.15 10.57
CA VAL A 165 -2.15 -2.80 9.50
C VAL A 165 -3.68 -2.71 9.63
N LYS A 166 -4.17 -2.56 10.86
N LYS A 166 -4.20 -2.55 10.86
CA LYS A 166 -5.60 -2.29 11.11
CA LYS A 166 -5.64 -2.34 11.05
C LYS A 166 -6.15 -1.14 10.27
C LYS A 166 -6.19 -1.09 10.33
N ASN A 167 -5.31 -0.14 10.03
CA ASN A 167 -5.68 0.98 9.18
C ASN A 167 -5.95 0.56 7.75
N TYR A 168 -5.12 -0.33 7.22
CA TYR A 168 -5.43 -0.90 5.89
C TYR A 168 -6.74 -1.70 5.94
N ARG A 169 -6.97 -2.45 7.01
CA ARG A 169 -8.21 -3.20 7.12
C ARG A 169 -9.39 -2.26 7.04
N LYS A 170 -9.33 -1.16 7.78
CA LYS A 170 -10.40 -0.16 7.75
C LYS A 170 -10.62 0.42 6.35
N PHE A 171 -9.52 0.81 5.70
CA PHE A 171 -9.60 1.34 4.33
C PHE A 171 -10.26 0.34 3.39
N ILE A 172 -9.76 -0.89 3.40
CA ILE A 172 -10.14 -1.87 2.41
C ILE A 172 -11.55 -2.42 2.67
N PHE A 173 -11.80 -2.79 3.92
CA PHE A 173 -13.03 -3.53 4.22
C PHE A 173 -14.20 -2.68 4.74
N GLU A 174 -13.87 -1.52 5.31
N GLU A 174 -13.91 -1.51 5.27
CA GLU A 174 -14.89 -0.60 5.82
CA GLU A 174 -14.99 -0.63 5.69
C GLU A 174 -15.15 0.56 4.86
C GLU A 174 -15.18 0.52 4.71
N TYR A 175 -14.10 1.22 4.37
CA TYR A 175 -14.25 2.36 3.46
C TYR A 175 -14.61 1.93 2.04
N LEU A 176 -13.77 1.10 1.44
CA LEU A 176 -14.06 0.59 0.09
C LEU A 176 -15.14 -0.49 0.10
N LYS A 177 -15.34 -1.16 1.23
CA LYS A 177 -16.25 -2.33 1.31
C LYS A 177 -15.82 -3.43 0.34
N SER A 178 -14.49 -3.58 0.18
CA SER A 178 -13.96 -4.67 -0.62
C SER A 178 -14.33 -6.02 -0.04
N ASP A 179 -14.47 -7.03 -0.90
CA ASP A 179 -14.62 -8.41 -0.44
C ASP A 179 -13.29 -9.02 0.00
N SER A 180 -12.18 -8.55 -0.56
CA SER A 180 -10.94 -9.26 -0.27
C SER A 180 -9.76 -8.38 -0.61
N CYS A 181 -8.55 -8.80 -0.25
CA CYS A 181 -7.36 -8.06 -0.68
C CYS A 181 -6.18 -9.00 -0.76
N THR A 182 -5.07 -8.54 -1.37
CA THR A 182 -3.81 -9.29 -1.34
C THR A 182 -2.93 -8.79 -0.20
N VAL A 183 -2.16 -9.72 0.35
CA VAL A 183 -1.37 -9.46 1.56
C VAL A 183 0.00 -10.15 1.39
N ASN A 184 1.05 -9.45 1.82
CA ASN A 184 2.38 -10.06 1.84
C ASN A 184 2.71 -10.41 3.30
N ILE A 185 2.84 -11.69 3.60
CA ILE A 185 3.00 -12.11 4.99
C ILE A 185 4.46 -12.38 5.36
N TYR A 186 5.42 -11.84 4.60
CA TYR A 186 6.81 -12.05 4.99
C TYR A 186 7.12 -11.58 6.43
N MET A 187 6.47 -10.52 6.88
CA MET A 187 6.65 -10.11 8.27
C MET A 187 6.22 -11.17 9.29
N GLY A 188 5.19 -11.94 8.95
CA GLY A 188 4.60 -12.94 9.85
C GLY A 188 3.13 -13.13 9.59
N THR A 189 2.57 -14.24 10.06
CA THR A 189 1.14 -14.44 9.91
C THR A 189 0.26 -13.77 10.96
N ASN A 190 0.82 -13.37 12.10
N ASN A 190 0.84 -13.38 12.09
CA ASN A 190 0.03 -12.70 13.13
CA ASN A 190 0.11 -12.66 13.14
C ASN A 190 -0.61 -11.40 12.61
C ASN A 190 -0.65 -11.48 12.54
N MET A 191 -0.01 -10.76 11.62
CA MET A 191 -0.64 -9.61 10.99
C MET A 191 -2.03 -9.95 10.45
N LEU A 192 -2.26 -11.20 10.07
CA LEU A 192 -3.58 -11.60 9.56
C LEU A 192 -4.72 -11.44 10.56
N LYS A 193 -4.39 -11.53 11.85
CA LYS A 193 -5.39 -11.32 12.89
C LYS A 193 -5.97 -9.91 12.86
N ASP A 194 -5.21 -8.97 12.28
CA ASP A 194 -5.56 -7.56 12.18
C ASP A 194 -6.01 -7.19 10.77
N ILE A 195 -6.05 -8.19 9.88
CA ILE A 195 -6.55 -7.97 8.53
C ILE A 195 -7.84 -8.76 8.26
N CYS A 196 -7.78 -10.05 8.55
CA CYS A 196 -8.91 -10.95 8.29
C CYS A 196 -9.91 -10.98 9.43
N TYR A 197 -9.65 -10.21 10.49
CA TYR A 197 -10.52 -10.22 11.66
C TYR A 197 -10.54 -8.83 12.26
N ASP A 198 -11.72 -8.39 12.68
CA ASP A 198 -11.85 -7.16 13.43
C ASP A 198 -12.42 -7.53 14.81
N GLU A 199 -11.58 -7.50 15.84
CA GLU A 199 -12.01 -7.98 17.15
C GLU A 199 -13.04 -7.06 17.82
N GLU A 200 -13.07 -5.80 17.42
CA GLU A 200 -14.00 -4.83 18.03
C GLU A 200 -15.43 -5.05 17.51
N LYS A 201 -15.54 -5.32 16.21
CA LYS A 201 -16.83 -5.54 15.57
C LYS A 201 -17.18 -7.01 15.41
N ASN A 202 -16.21 -7.90 15.64
CA ASN A 202 -16.39 -9.33 15.44
C ASN A 202 -16.80 -9.60 14.00
N LYS A 203 -16.06 -9.01 13.06
CA LYS A 203 -16.24 -9.19 11.62
C LYS A 203 -15.02 -9.94 11.04
N TYR A 204 -15.26 -10.81 10.06
CA TYR A 204 -14.23 -11.56 9.38
C TYR A 204 -14.15 -11.14 7.91
N TYR A 205 -12.94 -11.24 7.36
CA TYR A 205 -12.70 -10.80 5.98
C TYR A 205 -11.76 -11.78 5.29
N SER A 206 -11.77 -11.73 3.96
CA SER A 206 -10.97 -12.63 3.17
C SER A 206 -9.73 -11.96 2.58
N ALA A 207 -8.69 -12.76 2.39
CA ALA A 207 -7.44 -12.27 1.78
C ALA A 207 -6.76 -13.38 0.99
N PHE A 208 -5.95 -12.94 0.03
CA PHE A 208 -5.04 -13.81 -0.71
C PHE A 208 -3.63 -13.43 -0.33
N VAL A 209 -2.85 -14.39 0.18
CA VAL A 209 -1.47 -14.10 0.54
C VAL A 209 -0.51 -14.44 -0.61
N LEU A 210 0.58 -13.69 -0.76
CA LEU A 210 1.54 -13.99 -1.82
C LEU A 210 2.25 -15.31 -1.53
N VAL A 211 2.18 -16.21 -2.51
CA VAL A 211 2.86 -17.51 -2.38
C VAL A 211 3.98 -17.66 -3.42
N LYS A 212 3.63 -17.57 -4.69
CA LYS A 212 4.64 -17.65 -5.74
C LYS A 212 4.24 -16.62 -6.80
N THR A 213 5.15 -15.71 -7.08
CA THR A 213 4.80 -14.59 -7.95
C THR A 213 5.42 -14.69 -9.35
N THR A 214 4.99 -13.80 -10.23
CA THR A 214 5.29 -13.89 -11.65
C THR A 214 6.60 -13.24 -12.10
N ASN A 215 7.17 -12.40 -11.25
CA ASN A 215 8.35 -11.64 -11.64
C ASN A 215 9.51 -12.60 -11.89
N PRO A 216 10.39 -12.22 -12.82
CA PRO A 216 11.39 -13.17 -13.31
C PRO A 216 12.33 -13.74 -12.23
N ASP A 217 12.56 -12.97 -11.18
CA ASP A 217 13.47 -13.38 -10.11
C ASP A 217 12.70 -13.86 -8.88
N SER A 218 11.46 -14.28 -9.06
CA SER A 218 10.64 -14.71 -7.93
C SER A 218 11.20 -15.88 -7.13
N ALA A 219 12.02 -16.71 -7.76
CA ALA A 219 12.60 -17.85 -7.03
C ALA A 219 13.63 -17.45 -5.97
N ILE A 220 14.14 -16.21 -6.01
CA ILE A 220 15.29 -15.84 -5.19
C ILE A 220 15.03 -15.97 -3.69
N PHE A 221 13.81 -15.64 -3.25
CA PHE A 221 13.45 -15.97 -1.89
C PHE A 221 12.40 -17.06 -1.76
N GLN A 222 11.41 -17.05 -2.67
CA GLN A 222 10.30 -17.99 -2.57
C GLN A 222 10.68 -19.47 -2.76
N LYS A 223 11.72 -19.71 -3.54
CA LYS A 223 12.19 -21.08 -3.79
C LYS A 223 13.54 -21.39 -3.18
N ASN A 224 14.46 -20.42 -3.17
CA ASN A 224 15.79 -20.63 -2.60
C ASN A 224 15.84 -20.82 -1.09
N LEU A 225 15.02 -20.05 -0.37
CA LEU A 225 14.95 -20.20 1.10
C LEU A 225 14.16 -21.47 1.41
N SER A 226 14.56 -22.22 2.43
CA SER A 226 13.81 -23.42 2.79
C SER A 226 13.93 -23.70 4.29
N LEU A 227 13.07 -24.61 4.75
CA LEU A 227 13.13 -25.17 6.10
C LEU A 227 12.95 -26.69 5.92
N ASP A 228 13.99 -27.46 6.25
CA ASP A 228 13.88 -28.93 6.22
C ASP A 228 13.36 -29.40 4.87
N ASN A 229 14.00 -28.96 3.78
CA ASN A 229 13.56 -29.39 2.44
C ASN A 229 12.11 -29.07 2.07
N LYS A 230 11.49 -28.09 2.73
CA LYS A 230 10.28 -27.48 2.19
C LYS A 230 10.69 -26.06 1.82
N GLN A 231 10.39 -25.67 0.57
N GLN A 231 10.41 -25.67 0.58
CA GLN A 231 10.70 -24.34 0.09
CA GLN A 231 10.72 -24.33 0.12
C GLN A 231 9.82 -23.29 0.77
C GLN A 231 9.84 -23.30 0.81
N ALA A 232 10.32 -22.06 0.86
CA ALA A 232 9.61 -20.95 1.52
C ALA A 232 8.14 -20.85 1.09
N TYR A 233 7.85 -20.98 -0.22
CA TYR A 233 6.46 -20.75 -0.65
C TYR A 233 5.49 -21.78 -0.05
N VAL A 234 5.99 -23.00 0.16
CA VAL A 234 5.21 -24.07 0.77
C VAL A 234 4.99 -23.78 2.24
N ILE A 235 6.06 -23.38 2.94
CA ILE A 235 5.97 -23.06 4.39
C ILE A 235 5.01 -21.88 4.58
N MET A 236 5.10 -20.87 3.71
CA MET A 236 4.26 -19.68 3.84
C MET A 236 2.80 -20.04 3.58
N ALA A 237 2.57 -20.89 2.59
CA ALA A 237 1.21 -21.37 2.31
C ALA A 237 0.62 -22.10 3.53
N GLN A 238 1.41 -23.00 4.11
CA GLN A 238 0.95 -23.78 5.27
C GLN A 238 0.66 -22.88 6.47
N GLU A 239 1.53 -21.90 6.70
CA GLU A 239 1.39 -21.03 7.87
C GLU A 239 0.12 -20.16 7.70
N ALA A 240 -0.15 -19.73 6.48
CA ALA A 240 -1.37 -18.98 6.19
C ALA A 240 -2.62 -19.80 6.49
N LEU A 241 -2.61 -21.05 6.04
CA LEU A 241 -3.72 -21.95 6.34
C LEU A 241 -3.89 -22.24 7.83
N ASN A 242 -2.77 -22.40 8.54
CA ASN A 242 -2.84 -22.60 9.99
C ASN A 242 -3.53 -21.40 10.64
N MET A 243 -3.25 -20.20 10.13
CA MET A 243 -3.85 -19.00 10.72
C MET A 243 -5.33 -18.92 10.37
N SER A 244 -5.68 -19.29 9.14
CA SER A 244 -7.08 -19.32 8.75
C SER A 244 -7.88 -20.22 9.70
N SER A 245 -7.30 -21.38 10.04
CA SER A 245 -8.00 -22.35 10.89
C SER A 245 -8.16 -21.76 12.28
N TYR A 246 -7.07 -21.18 12.78
CA TYR A 246 -7.13 -20.55 14.09
C TYR A 246 -8.26 -19.50 14.14
N LEU A 247 -8.32 -18.65 13.12
CA LEU A 247 -9.31 -17.57 13.08
C LEU A 247 -10.74 -18.00 12.75
N ASN A 248 -10.95 -19.27 12.43
CA ASN A 248 -12.24 -19.82 12.06
C ASN A 248 -12.84 -19.13 10.84
N LEU A 249 -12.01 -18.76 9.87
CA LEU A 249 -12.56 -17.98 8.75
C LEU A 249 -13.62 -18.72 7.95
N GLU A 250 -13.32 -19.96 7.58
CA GLU A 250 -14.18 -20.69 6.65
C GLU A 250 -15.54 -21.02 7.29
N GLN A 251 -15.54 -21.19 8.61
CA GLN A 251 -16.76 -21.33 9.42
C GLN A 251 -17.65 -20.07 9.35
N ASN A 252 -17.00 -18.93 9.11
CA ASN A 252 -17.67 -17.64 8.95
C ASN A 252 -17.73 -17.19 7.47
N ASN A 253 -17.56 -18.14 6.56
CA ASN A 253 -17.77 -17.93 5.14
C ASN A 253 -16.76 -16.94 4.55
N GLU A 254 -15.57 -16.90 5.14
CA GLU A 254 -14.44 -16.16 4.56
C GLU A 254 -13.29 -17.13 4.36
N PHE A 255 -12.20 -16.65 3.74
CA PHE A 255 -11.07 -17.55 3.56
C PHE A 255 -9.77 -16.77 3.45
N ILE A 256 -8.69 -17.51 3.67
CA ILE A 256 -7.36 -17.07 3.24
C ILE A 256 -6.94 -17.98 2.10
N GLY A 257 -6.62 -17.38 0.97
CA GLY A 257 -6.16 -18.12 -0.19
C GLY A 257 -4.78 -17.68 -0.60
N PHE A 258 -4.37 -18.11 -1.78
CA PHE A 258 -2.98 -17.96 -2.24
C PHE A 258 -2.89 -17.26 -3.59
N VAL A 259 -1.89 -16.40 -3.75
CA VAL A 259 -1.57 -15.89 -5.10
C VAL A 259 -0.45 -16.78 -5.62
N VAL A 260 -0.74 -17.41 -6.75
CA VAL A 260 0.26 -18.23 -7.45
C VAL A 260 0.29 -17.80 -8.91
N GLY A 261 1.44 -17.33 -9.39
CA GLY A 261 1.55 -16.78 -10.75
C GLY A 261 1.17 -17.73 -11.87
N ALA A 262 0.57 -17.20 -12.93
CA ALA A 262 0.06 -18.06 -13.99
C ALA A 262 1.17 -18.90 -14.64
N ASN A 263 2.37 -18.32 -14.66
CA ASN A 263 3.57 -18.90 -15.27
C ASN A 263 4.31 -19.95 -14.41
N SER A 264 3.85 -20.13 -13.18
CA SER A 264 4.53 -20.99 -12.20
C SER A 264 3.87 -22.36 -12.12
N TYR A 265 4.00 -23.13 -13.21
CA TYR A 265 3.23 -24.37 -13.35
C TYR A 265 3.54 -25.41 -12.28
N ASP A 266 4.81 -25.61 -11.98
CA ASP A 266 5.22 -26.63 -11.01
C ASP A 266 4.68 -26.28 -9.63
N GLU A 267 4.81 -25.01 -9.26
CA GLU A 267 4.33 -24.54 -7.96
C GLU A 267 2.81 -24.59 -7.86
N MET A 268 2.12 -24.19 -8.93
N MET A 268 2.12 -24.19 -8.93
CA MET A 268 0.67 -24.31 -9.02
CA MET A 268 0.68 -24.34 -8.93
C MET A 268 0.19 -25.76 -8.81
C MET A 268 0.25 -25.79 -8.72
N ASN A 269 0.85 -26.70 -9.48
CA ASN A 269 0.60 -28.13 -9.27
C ASN A 269 0.83 -28.58 -7.81
N TYR A 270 1.96 -28.18 -7.22
CA TYR A 270 2.25 -28.57 -5.83
C TYR A 270 1.16 -28.05 -4.90
N ILE A 271 0.83 -26.77 -5.06
CA ILE A 271 -0.15 -26.14 -4.18
C ILE A 271 -1.53 -26.77 -4.26
N ARG A 272 -1.99 -27.05 -5.47
CA ARG A 272 -3.31 -27.68 -5.68
C ARG A 272 -3.29 -29.14 -5.20
N THR A 273 -2.13 -29.79 -5.34
CA THR A 273 -1.98 -31.19 -4.92
C THR A 273 -1.98 -31.28 -3.39
N TYR A 274 -1.24 -30.38 -2.75
CA TYR A 274 -1.00 -30.49 -1.32
C TYR A 274 -2.02 -29.79 -0.43
N PHE A 275 -2.70 -28.80 -1.01
CA PHE A 275 -3.84 -28.12 -0.39
C PHE A 275 -5.01 -28.19 -1.38
N PRO A 276 -5.65 -29.37 -1.48
CA PRO A 276 -6.63 -29.65 -2.54
C PRO A 276 -7.75 -28.64 -2.66
N ASN A 277 -8.20 -28.05 -1.55
CA ASN A 277 -9.37 -27.19 -1.59
C ASN A 277 -9.06 -25.71 -1.36
N CYS A 278 -7.80 -25.34 -1.55
CA CYS A 278 -7.43 -23.93 -1.32
C CYS A 278 -7.97 -23.04 -2.43
N TYR A 279 -8.09 -21.75 -2.10
CA TYR A 279 -8.49 -20.72 -3.06
C TYR A 279 -7.22 -20.11 -3.66
N ILE A 280 -7.13 -20.11 -5.00
CA ILE A 280 -5.96 -19.58 -5.69
C ILE A 280 -6.36 -18.42 -6.60
N LEU A 281 -5.55 -17.36 -6.57
CA LEU A 281 -5.68 -16.23 -7.49
C LEU A 281 -4.44 -16.24 -8.35
N SER A 282 -4.62 -16.19 -9.68
CA SER A 282 -3.48 -16.39 -10.58
C SER A 282 -3.35 -15.25 -11.62
N PRO A 283 -2.48 -14.28 -11.36
CA PRO A 283 -2.23 -13.20 -12.33
C PRO A 283 -1.12 -13.60 -13.29
N GLY A 284 -0.99 -12.93 -14.43
CA GLY A 284 0.18 -13.16 -15.27
C GLY A 284 -0.10 -13.77 -16.64
N ILE A 285 -1.37 -13.95 -16.98
CA ILE A 285 -1.78 -14.25 -18.35
C ILE A 285 -2.14 -12.99 -19.13
N GLY A 286 -1.74 -12.96 -20.39
CA GLY A 286 -2.32 -12.01 -21.33
C GLY A 286 -1.21 -11.08 -21.76
N ALA A 287 -1.09 -9.98 -21.03
CA ALA A 287 -0.01 -9.02 -21.20
C ALA A 287 1.34 -9.57 -20.71
N GLN A 288 1.31 -10.64 -19.91
CA GLN A 288 2.53 -11.26 -19.40
C GLN A 288 2.75 -12.69 -19.92
N ASN A 289 1.80 -13.15 -20.75
CA ASN A 289 1.98 -14.27 -21.71
C ASN A 289 2.04 -15.72 -21.22
N GLY A 290 1.64 -15.98 -19.97
CA GLY A 290 1.48 -17.36 -19.50
C GLY A 290 0.61 -18.19 -20.45
N ASP A 291 0.68 -19.52 -20.32
CA ASP A 291 -0.10 -20.47 -21.11
C ASP A 291 -1.37 -20.77 -20.33
N LEU A 292 -2.50 -20.31 -20.86
CA LEU A 292 -3.77 -20.37 -20.13
C LEU A 292 -4.20 -21.81 -19.86
N HIS A 293 -4.13 -22.64 -20.89
CA HIS A 293 -4.52 -24.04 -20.74
C HIS A 293 -3.71 -24.73 -19.65
N LYS A 294 -2.40 -24.46 -19.66
CA LYS A 294 -1.47 -25.05 -18.70
C LYS A 294 -1.71 -24.57 -17.27
N THR A 295 -1.99 -23.28 -17.10
CA THR A 295 -2.22 -22.69 -15.79
C THR A 295 -3.50 -23.23 -15.19
N LEU A 296 -4.58 -23.11 -15.97
CA LEU A 296 -5.90 -23.50 -15.51
C LEU A 296 -5.97 -24.98 -15.17
N THR A 297 -5.30 -25.80 -15.98
CA THR A 297 -5.23 -27.23 -15.76
C THR A 297 -4.49 -27.61 -14.46
N ASN A 298 -3.32 -27.02 -14.23
CA ASN A 298 -2.59 -27.28 -12.99
C ASN A 298 -3.29 -26.74 -11.75
N GLY A 299 -4.04 -25.67 -11.90
CA GLY A 299 -4.74 -25.07 -10.76
C GLY A 299 -6.19 -25.50 -10.61
N TYR A 300 -6.69 -26.31 -11.56
CA TYR A 300 -8.11 -26.60 -11.65
C TYR A 300 -8.74 -27.10 -10.35
N HIS A 301 -9.97 -26.63 -10.10
CA HIS A 301 -10.82 -27.23 -9.08
C HIS A 301 -12.23 -27.21 -9.62
N LYS A 302 -13.03 -28.21 -9.25
CA LYS A 302 -14.38 -28.31 -9.79
C LYS A 302 -15.25 -27.14 -9.37
N SER A 303 -14.94 -26.54 -8.21
CA SER A 303 -15.52 -25.27 -7.79
C SER A 303 -14.58 -24.21 -8.34
N TYR A 304 -14.94 -23.71 -9.53
N TYR A 304 -14.78 -23.76 -9.56
CA TYR A 304 -14.07 -22.88 -10.36
CA TYR A 304 -13.66 -23.02 -10.15
C TYR A 304 -13.53 -21.65 -9.66
C TYR A 304 -13.52 -21.56 -9.71
N GLU A 305 -14.32 -21.10 -8.75
CA GLU A 305 -14.01 -19.86 -8.05
C GLU A 305 -12.72 -20.04 -7.23
N LYS A 306 -12.30 -21.28 -7.04
CA LYS A 306 -11.02 -21.59 -6.37
C LYS A 306 -9.77 -21.43 -7.25
N ILE A 307 -9.95 -21.08 -8.52
CA ILE A 307 -8.78 -20.83 -9.40
C ILE A 307 -9.08 -19.61 -10.26
N LEU A 308 -8.94 -18.44 -9.65
CA LEU A 308 -9.25 -17.19 -10.36
C LEU A 308 -8.14 -16.87 -11.36
N ILE A 309 -8.49 -16.58 -12.60
CA ILE A 309 -7.48 -16.25 -13.62
C ILE A 309 -7.61 -14.77 -13.92
N ASN A 310 -6.61 -13.99 -13.52
CA ASN A 310 -6.71 -12.56 -13.70
C ASN A 310 -6.22 -12.16 -15.09
N ILE A 311 -7.03 -11.37 -15.78
CA ILE A 311 -6.65 -10.76 -17.05
C ILE A 311 -6.92 -9.26 -16.98
N GLY A 312 -5.88 -8.46 -17.14
CA GLY A 312 -6.02 -7.00 -17.00
C GLY A 312 -5.86 -6.28 -18.34
N ARG A 313 -4.64 -5.86 -18.63
CA ARG A 313 -4.32 -5.13 -19.86
C ARG A 313 -4.81 -5.73 -21.18
N ALA A 314 -4.87 -7.06 -21.27
CA ALA A 314 -5.34 -7.70 -22.52
C ALA A 314 -6.81 -7.35 -22.79
N ILE A 315 -7.54 -6.97 -21.73
CA ILE A 315 -8.91 -6.47 -21.87
C ILE A 315 -8.94 -4.94 -21.85
N THR A 316 -8.31 -4.31 -20.85
CA THR A 316 -8.49 -2.84 -20.62
C THR A 316 -7.76 -1.99 -21.65
N LYS A 317 -6.73 -2.51 -22.31
CA LYS A 317 -6.09 -1.78 -23.41
C LYS A 317 -6.58 -2.18 -24.81
N ASN A 318 -7.53 -3.10 -24.87
CA ASN A 318 -8.15 -3.41 -26.16
C ASN A 318 -9.20 -2.34 -26.48
N PRO A 319 -9.26 -1.85 -27.74
CA PRO A 319 -10.28 -0.86 -28.06
C PRO A 319 -11.74 -1.34 -27.95
N TYR A 320 -11.95 -2.66 -27.89
CA TYR A 320 -13.28 -3.27 -27.74
C TYR A 320 -13.26 -4.21 -26.54
N PRO A 321 -13.19 -3.63 -25.33
CA PRO A 321 -13.02 -4.43 -24.11
C PRO A 321 -14.13 -5.44 -23.90
N GLN A 322 -15.37 -5.14 -24.31
CA GLN A 322 -16.46 -6.10 -24.12
C GLN A 322 -16.14 -7.38 -24.93
N LYS A 323 -15.75 -7.21 -26.19
CA LYS A 323 -15.41 -8.38 -26.99
C LYS A 323 -14.15 -9.10 -26.50
N ALA A 324 -13.13 -8.37 -26.08
CA ALA A 324 -11.92 -9.00 -25.53
C ALA A 324 -12.30 -9.83 -24.31
N ALA A 325 -13.15 -9.27 -23.45
CA ALA A 325 -13.55 -10.02 -22.25
C ALA A 325 -14.36 -11.26 -22.62
N GLN A 326 -15.27 -11.15 -23.57
CA GLN A 326 -16.06 -12.31 -24.01
C GLN A 326 -15.12 -13.41 -24.53
N MET A 327 -14.08 -13.02 -25.25
CA MET A 327 -13.15 -13.98 -25.85
C MET A 327 -12.35 -14.72 -24.79
N TYR A 328 -11.87 -13.98 -23.79
CA TYR A 328 -11.21 -14.65 -22.67
C TYR A 328 -12.15 -15.52 -21.84
N TYR A 329 -13.36 -15.02 -21.60
CA TYR A 329 -14.41 -15.80 -20.92
C TYR A 329 -14.65 -17.14 -21.65
N ASP A 330 -14.80 -17.07 -22.96
CA ASP A 330 -15.08 -18.25 -23.76
C ASP A 330 -13.88 -19.18 -23.77
N GLN A 331 -12.67 -18.61 -23.85
CA GLN A 331 -11.47 -19.42 -23.94
C GLN A 331 -11.28 -20.19 -22.61
N ILE A 332 -11.47 -19.48 -21.50
CA ILE A 332 -11.40 -20.08 -20.15
C ILE A 332 -12.46 -21.16 -20.01
N ASN A 333 -13.68 -20.85 -20.43
CA ASN A 333 -14.79 -21.77 -20.25
C ASN A 333 -14.57 -23.05 -21.05
N ALA A 334 -13.99 -22.94 -22.24
CA ALA A 334 -13.66 -24.13 -23.03
C ALA A 334 -12.64 -25.02 -22.32
N ILE A 335 -11.64 -24.43 -21.69
CA ILE A 335 -10.67 -25.18 -20.88
C ILE A 335 -11.34 -25.77 -19.62
N LEU A 336 -12.26 -25.03 -19.02
CA LEU A 336 -13.01 -25.59 -17.89
C LEU A 336 -13.80 -26.82 -18.34
N LYS A 337 -14.41 -26.74 -19.52
CA LYS A 337 -15.18 -27.87 -20.06
C LYS A 337 -14.27 -29.08 -20.32
N GLN A 338 -13.04 -28.84 -20.77
CA GLN A 338 -12.10 -29.94 -21.08
C GLN A 338 -11.79 -30.70 -19.79
N ASN A 339 -11.64 -29.95 -18.71
CA ASN A 339 -11.37 -30.54 -17.40
C ASN A 339 -12.61 -31.26 -16.85
N MET A 340 -13.78 -30.66 -17.05
CA MET A 340 -15.06 -31.33 -16.73
C MET A 340 -15.37 -32.61 -17.52
N GLU A 341 -14.78 -32.75 -18.70
CA GLU A 341 -15.07 -33.89 -19.56
C GLU A 341 -13.80 -34.69 -19.80
N SER A 342 -12.94 -34.71 -18.79
CA SER A 342 -11.68 -35.44 -18.86
C SER A 342 -11.85 -36.89 -18.39
N SER B 19 18.11 16.96 -5.55
CA SER B 19 19.39 17.50 -6.14
C SER B 19 20.67 16.94 -5.53
N MET B 20 20.86 17.08 -4.22
CA MET B 20 22.07 16.54 -3.57
C MET B 20 22.09 15.01 -3.44
N GLY B 21 20.94 14.39 -3.19
CA GLY B 21 20.90 12.94 -2.98
C GLY B 21 20.79 12.63 -1.50
N PHE B 22 19.98 11.63 -1.12
CA PHE B 22 19.63 11.36 0.28
C PHE B 22 20.84 11.12 1.16
N LYS B 23 21.86 10.50 0.60
CA LYS B 23 23.07 10.16 1.35
C LYS B 23 23.68 11.48 1.85
N VAL B 24 23.70 12.47 0.96
CA VAL B 24 24.29 13.79 1.24
C VAL B 24 23.40 14.60 2.18
N LYS B 25 22.10 14.63 1.88
N LYS B 25 22.10 14.64 1.88
CA LYS B 25 21.11 15.21 2.78
CA LYS B 25 21.11 15.23 2.78
C LYS B 25 21.26 14.72 4.21
C LYS B 25 21.21 14.72 4.23
N LEU B 26 21.39 13.42 4.40
CA LEU B 26 21.45 12.85 5.75
C LEU B 26 22.74 13.28 6.46
N GLU B 27 23.84 13.20 5.72
CA GLU B 27 25.14 13.61 6.27
C GLU B 27 25.12 15.09 6.66
N LYS B 28 24.68 15.94 5.75
CA LYS B 28 24.64 17.37 6.04
C LYS B 28 23.74 17.72 7.21
N ARG B 29 22.53 17.15 7.27
CA ARG B 29 21.70 17.41 8.44
C ARG B 29 22.30 16.89 9.76
N ARG B 30 22.95 15.75 9.70
CA ARG B 30 23.61 15.16 10.88
C ARG B 30 24.69 16.12 11.35
N ASN B 31 25.39 16.75 10.41
CA ASN B 31 26.37 17.78 10.76
C ASN B 31 25.74 19.00 11.44
N ALA B 32 24.50 19.34 11.10
CA ALA B 32 23.84 20.49 11.69
C ALA B 32 23.19 20.20 13.04
N ILE B 33 22.65 19.00 13.22
CA ILE B 33 21.87 18.79 14.43
C ILE B 33 22.42 17.71 15.36
N ASN B 34 23.44 17.00 14.86
CA ASN B 34 24.19 15.98 15.61
C ASN B 34 23.31 14.94 16.31
N THR B 35 22.40 14.32 15.55
CA THR B 35 21.60 13.24 16.12
C THR B 35 21.23 12.18 15.09
N CYS B 36 20.67 11.06 15.54
CA CYS B 36 20.09 10.08 14.61
C CYS B 36 18.62 9.78 14.88
N LEU B 37 17.96 10.63 15.65
CA LEU B 37 16.53 10.49 15.91
C LEU B 37 15.73 10.64 14.62
N CYS B 38 14.84 9.68 14.41
CA CYS B 38 13.89 9.73 13.29
C CYS B 38 12.51 9.83 13.95
N ILE B 39 11.80 10.92 13.71
CA ILE B 39 10.50 11.07 14.37
C ILE B 39 9.43 10.48 13.46
N GLY B 40 8.61 9.58 14.00
CA GLY B 40 7.53 8.92 13.27
C GLY B 40 6.29 9.78 13.41
N LEU B 41 5.64 10.05 12.29
CA LEU B 41 4.39 10.81 12.32
C LEU B 41 3.25 9.96 11.78
N ASP B 42 2.58 9.25 12.69
CA ASP B 42 1.53 8.30 12.36
C ASP B 42 0.30 8.68 13.17
N PRO B 43 -0.41 9.76 12.76
CA PRO B 43 -1.58 10.16 13.57
C PRO B 43 -2.76 9.23 13.35
N ASP B 44 -3.34 8.73 14.45
CA ASP B 44 -4.55 7.90 14.34
C ASP B 44 -5.82 8.70 14.62
N GLU B 45 -6.97 8.07 14.46
CA GLU B 45 -8.23 8.79 14.58
C GLU B 45 -8.34 9.43 15.96
N LYS B 46 -7.95 8.69 16.99
CA LYS B 46 -7.98 9.21 18.34
C LYS B 46 -7.07 10.43 18.55
N ASP B 47 -5.87 10.40 17.94
CA ASP B 47 -4.96 11.54 18.01
C ASP B 47 -5.59 12.80 17.41
N ILE B 48 -6.26 12.63 16.27
CA ILE B 48 -6.87 13.75 15.58
C ILE B 48 -8.06 14.28 16.40
N GLU B 49 -8.92 13.37 16.85
N GLU B 49 -8.95 13.39 16.84
CA GLU B 49 -10.09 13.67 17.68
CA GLU B 49 -10.10 13.80 17.66
C GLU B 49 -9.70 14.36 18.99
C GLU B 49 -9.61 14.49 18.94
N ASN B 50 -8.64 13.88 19.62
CA ASN B 50 -8.08 14.50 20.84
C ASN B 50 -7.50 15.89 20.60
N PHE B 51 -6.82 16.07 19.48
CA PHE B 51 -6.28 17.39 19.15
C PHE B 51 -7.42 18.37 18.97
N MET B 52 -8.45 17.97 18.23
CA MET B 52 -9.62 18.81 18.02
C MET B 52 -10.24 19.22 19.36
N LYS B 53 -10.53 18.23 20.19
CA LYS B 53 -11.17 18.49 21.48
C LYS B 53 -10.31 19.41 22.33
N ASN B 54 -9.03 19.05 22.46
CA ASN B 54 -8.09 19.87 23.24
C ASN B 54 -7.95 21.33 22.78
N GLU B 55 -7.79 21.53 21.48
CA GLU B 55 -7.72 22.86 20.92
C GLU B 55 -8.98 23.66 21.22
N LYS B 56 -10.14 23.02 21.10
CA LYS B 56 -11.40 23.73 21.39
C LYS B 56 -11.48 24.20 22.84
N GLU B 57 -10.88 23.40 23.74
CA GLU B 57 -10.85 23.73 25.16
C GLU B 57 -9.79 24.73 25.59
N ASN B 58 -8.75 24.89 24.78
CA ASN B 58 -7.67 25.81 25.10
C ASN B 58 -7.58 26.99 24.12
N ASN B 59 -8.74 27.33 23.57
CA ASN B 59 -8.86 28.40 22.57
C ASN B 59 -7.87 28.31 21.42
N TYR B 60 -7.66 27.09 20.91
CA TYR B 60 -6.88 26.89 19.68
C TYR B 60 -5.45 27.44 19.74
N ASN B 61 -4.82 27.23 20.90
CA ASN B 61 -3.46 27.74 21.11
C ASN B 61 -2.43 27.19 20.13
N ASN B 62 -2.52 25.89 19.85
CA ASN B 62 -1.54 25.29 18.97
C ASN B 62 -1.79 25.63 17.52
N ILE B 63 -3.06 25.63 17.11
CA ILE B 63 -3.39 26.10 15.76
C ILE B 63 -2.95 27.55 15.53
N LYS B 64 -3.18 28.40 16.52
CA LYS B 64 -2.72 29.79 16.42
C LYS B 64 -1.21 29.89 16.23
N LYS B 65 -0.43 29.11 16.98
CA LYS B 65 1.00 29.00 16.73
C LYS B 65 1.29 28.52 15.33
N ASN B 66 0.61 27.46 14.89
CA ASN B 66 0.82 26.97 13.52
C ASN B 66 0.67 28.08 12.49
N LEU B 67 -0.33 28.92 12.69
CA LEU B 67 -0.62 29.96 11.70
C LEU B 67 0.46 31.02 11.60
N LYS B 68 1.25 31.17 12.65
CA LYS B 68 2.33 32.16 12.63
C LYS B 68 3.59 31.63 11.93
N GLU B 69 3.65 30.32 11.67
CA GLU B 69 4.81 29.74 11.02
C GLU B 69 4.87 30.08 9.54
N LYS B 70 6.08 30.31 9.03
CA LYS B 70 6.21 30.78 7.64
C LYS B 70 5.86 29.78 6.55
N TYR B 71 6.25 28.51 6.71
CA TYR B 71 6.06 27.57 5.59
C TYR B 71 4.65 27.01 5.44
N ILE B 72 3.76 27.36 6.35
CA ILE B 72 2.36 26.99 6.16
C ILE B 72 1.88 27.61 4.84
N ASN B 73 2.50 28.73 4.48
CA ASN B 73 2.14 29.47 3.28
C ASN B 73 2.57 28.78 1.99
N ASN B 74 3.30 27.68 2.11
CA ASN B 74 3.84 26.99 0.95
C ASN B 74 3.29 25.58 0.70
N VAL B 75 2.27 25.17 1.45
CA VAL B 75 1.63 23.89 1.19
C VAL B 75 0.75 23.97 -0.06
N SER B 76 0.59 22.82 -0.73
CA SER B 76 -0.01 22.70 -2.05
C SER B 76 -1.53 22.66 -2.05
N ILE B 77 -2.10 22.01 -1.03
N ILE B 77 -2.11 22.02 -1.04
CA ILE B 77 -3.49 21.58 -1.08
CA ILE B 77 -3.51 21.61 -1.15
C ILE B 77 -4.35 22.37 -0.11
C ILE B 77 -4.35 22.34 -0.13
N LYS B 78 -5.33 23.09 -0.64
CA LYS B 78 -6.33 23.78 0.19
C LYS B 78 -5.70 24.70 1.27
N LYS B 79 -4.66 25.41 0.86
CA LYS B 79 -3.96 26.33 1.76
C LYS B 79 -4.92 27.36 2.33
N ASP B 80 -5.84 27.84 1.51
CA ASP B 80 -6.74 28.89 1.97
C ASP B 80 -7.62 28.42 3.13
N ILE B 81 -8.01 27.15 3.05
CA ILE B 81 -8.71 26.52 4.17
C ILE B 81 -7.83 26.44 5.42
N LEU B 82 -6.58 25.99 5.24
CA LEU B 82 -5.68 25.81 6.37
C LEU B 82 -5.32 27.13 7.07
N LEU B 83 -5.39 28.23 6.33
CA LEU B 83 -5.07 29.54 6.89
C LEU B 83 -6.26 30.21 7.59
N LYS B 84 -7.46 29.65 7.46
CA LYS B 84 -8.64 30.23 8.11
C LYS B 84 -8.59 30.01 9.61
N ALA B 85 -9.27 30.90 10.34
CA ALA B 85 -9.35 30.78 11.78
C ALA B 85 -10.27 29.62 12.14
N PRO B 86 -9.92 28.85 13.18
CA PRO B 86 -10.72 27.69 13.56
C PRO B 86 -12.21 27.98 13.80
N ASP B 87 -12.52 29.08 14.50
N ASP B 87 -12.54 29.08 14.49
CA ASP B 87 -13.92 29.43 14.74
CA ASP B 87 -13.94 29.42 14.75
C ASP B 87 -14.66 29.46 13.41
C ASP B 87 -14.72 29.81 13.49
N ASN B 88 -14.01 30.01 12.39
CA ASN B 88 -14.63 30.16 11.07
C ASN B 88 -14.73 28.84 10.29
N ILE B 89 -13.68 28.01 10.34
CA ILE B 89 -13.76 26.64 9.80
C ILE B 89 -14.99 25.89 10.32
N ILE B 90 -15.19 25.93 11.63
N ILE B 90 -15.19 25.93 11.63
CA ILE B 90 -16.28 25.18 12.23
CA ILE B 90 -16.21 25.09 12.25
C ILE B 90 -17.65 25.67 11.75
C ILE B 90 -17.65 25.61 12.05
N ARG B 91 -17.79 26.97 11.54
N ARG B 91 -17.80 26.78 11.45
CA ARG B 91 -19.08 27.51 11.15
CA ARG B 91 -19.15 27.23 11.10
C ARG B 91 -19.33 27.52 9.64
C ARG B 91 -19.36 27.50 9.60
N GLU B 92 -18.31 27.87 8.87
CA GLU B 92 -18.42 28.16 7.44
C GLU B 92 -17.79 27.14 6.50
N GLU B 93 -16.96 26.25 7.02
CA GLU B 93 -16.29 25.26 6.16
C GLU B 93 -16.32 23.92 6.88
N LYS B 94 -17.49 23.55 7.38
N LYS B 94 -17.50 23.55 7.37
CA LYS B 94 -17.60 22.37 8.25
CA LYS B 94 -17.60 22.36 8.21
C LYS B 94 -17.20 21.06 7.58
C LYS B 94 -17.15 21.07 7.52
N SER B 95 -17.39 20.97 6.26
N SER B 95 -17.45 20.93 6.23
CA SER B 95 -17.01 19.77 5.53
CA SER B 95 -16.98 19.75 5.51
C SER B 95 -15.48 19.62 5.42
C SER B 95 -15.48 19.56 5.68
N GLU B 96 -14.76 20.67 5.77
CA GLU B 96 -13.28 20.65 5.84
C GLU B 96 -12.70 20.52 7.24
N GLU B 97 -13.58 20.37 8.23
CA GLU B 97 -13.12 20.34 9.62
C GLU B 97 -12.12 19.22 9.88
N PHE B 98 -12.43 18.01 9.42
CA PHE B 98 -11.51 16.89 9.64
C PHE B 98 -10.18 17.14 8.94
N PHE B 99 -10.22 17.50 7.65
CA PHE B 99 -9.01 17.89 6.93
C PHE B 99 -8.18 18.91 7.73
N TYR B 100 -8.84 19.96 8.21
CA TYR B 100 -8.17 21.06 8.91
C TYR B 100 -7.49 20.60 10.18
N PHE B 101 -8.20 19.85 11.02
CA PHE B 101 -7.61 19.43 12.29
C PHE B 101 -6.55 18.35 12.09
N PHE B 102 -6.75 17.47 11.11
CA PHE B 102 -5.75 16.44 10.79
C PHE B 102 -4.45 17.13 10.31
N ASN B 103 -4.55 18.05 9.35
CA ASN B 103 -3.34 18.71 8.86
C ASN B 103 -2.69 19.54 9.99
N HIS B 104 -3.52 20.26 10.76
CA HIS B 104 -2.98 21.05 11.86
C HIS B 104 -2.33 20.23 12.97
N PHE B 105 -2.81 19.02 13.20
CA PHE B 105 -2.15 18.14 14.16
C PHE B 105 -0.74 17.82 13.66
N CYS B 106 -0.64 17.47 12.37
CA CYS B 106 0.68 17.17 11.79
C CYS B 106 1.62 18.37 11.85
N PHE B 107 1.14 19.54 11.43
CA PHE B 107 1.98 20.75 11.47
C PHE B 107 2.41 21.03 12.92
N TYR B 108 1.50 20.84 13.87
CA TYR B 108 1.79 21.01 15.32
C TYR B 108 2.92 20.08 15.78
N ILE B 109 2.80 18.79 15.49
CA ILE B 109 3.89 17.88 15.83
C ILE B 109 5.22 18.28 15.18
N ILE B 110 5.20 18.59 13.88
CA ILE B 110 6.40 18.97 13.17
C ILE B 110 7.00 20.23 13.79
N ASN B 111 6.16 21.23 14.06
CA ASN B 111 6.66 22.49 14.64
C ASN B 111 7.31 22.29 16.01
N GLU B 112 6.67 21.49 16.85
CA GLU B 112 7.17 21.20 18.20
C GLU B 112 8.45 20.36 18.23
N THR B 113 8.71 19.56 17.19
CA THR B 113 9.78 18.57 17.29
C THR B 113 10.90 18.57 16.24
N ASN B 114 10.73 19.28 15.13
CA ASN B 114 11.65 19.19 14.00
C ASN B 114 13.10 19.53 14.32
N LYS B 115 13.32 20.44 15.27
CA LYS B 115 14.69 20.79 15.69
C LYS B 115 15.50 19.61 16.23
N TYR B 116 14.81 18.56 16.67
CA TYR B 116 15.47 17.37 17.20
C TYR B 116 15.55 16.20 16.22
N ALA B 117 14.99 16.39 15.02
CA ALA B 117 14.80 15.28 14.09
C ALA B 117 15.86 15.26 12.98
N LEU B 118 16.57 14.14 12.86
CA LEU B 118 17.38 13.93 11.65
C LEU B 118 16.46 13.69 10.44
N THR B 119 15.42 12.91 10.65
N THR B 119 15.45 12.86 10.65
CA THR B 119 14.49 12.60 9.55
CA THR B 119 14.51 12.50 9.58
C THR B 119 13.11 12.40 10.15
C THR B 119 13.09 12.47 10.17
N PHE B 120 12.06 12.55 9.32
CA PHE B 120 10.71 12.19 9.74
C PHE B 120 10.26 11.02 8.88
N LYS B 121 9.58 10.07 9.52
CA LYS B 121 9.02 8.89 8.84
C LYS B 121 7.50 8.91 8.99
N MET B 122 6.80 8.99 7.85
CA MET B 122 5.33 8.99 7.84
C MET B 122 4.85 7.63 7.31
N ASN B 123 4.02 6.93 8.10
CA ASN B 123 3.55 5.62 7.63
C ASN B 123 2.25 5.82 6.87
N PHE B 124 2.29 5.40 5.60
CA PHE B 124 1.17 5.65 4.67
C PHE B 124 -0.18 5.14 5.22
N ALA B 125 -0.12 4.02 5.93
CA ALA B 125 -1.34 3.37 6.42
C ALA B 125 -2.22 4.33 7.24
N PHE B 126 -1.60 5.29 7.91
CA PHE B 126 -2.36 6.24 8.73
C PHE B 126 -3.08 7.34 7.94
N TYR B 127 -2.69 7.53 6.67
CA TYR B 127 -3.17 8.63 5.86
C TYR B 127 -4.23 8.18 4.85
N ILE B 128 -4.39 6.86 4.71
CA ILE B 128 -5.35 6.29 3.74
C ILE B 128 -6.78 5.92 4.20
N PRO B 129 -7.02 5.67 5.51
CA PRO B 129 -8.25 4.97 5.86
C PRO B 129 -9.54 5.80 5.81
N TYR B 130 -9.39 7.09 5.53
CA TYR B 130 -10.52 8.02 5.38
C TYR B 130 -10.76 8.37 3.92
N GLY B 131 -10.03 7.74 3.00
CA GLY B 131 -10.14 8.02 1.57
C GLY B 131 -9.20 9.14 1.19
N SER B 132 -9.59 9.94 0.21
CA SER B 132 -8.72 10.96 -0.35
C SER B 132 -8.22 12.02 0.65
N VAL B 133 -9.05 12.37 1.64
CA VAL B 133 -8.74 13.50 2.53
C VAL B 133 -7.37 13.35 3.19
N GLY B 134 -7.07 12.16 3.70
CA GLY B 134 -5.77 11.94 4.33
C GLY B 134 -4.57 11.98 3.40
N ILE B 135 -4.79 11.71 2.12
CA ILE B 135 -3.72 11.80 1.13
C ILE B 135 -3.39 13.29 0.85
N ASP B 136 -4.41 14.15 0.79
CA ASP B 136 -4.16 15.59 0.75
C ASP B 136 -3.37 16.03 1.98
N VAL B 137 -3.74 15.56 3.18
CA VAL B 137 -2.93 15.85 4.37
C VAL B 137 -1.49 15.37 4.14
N LEU B 138 -1.31 14.13 3.69
CA LEU B 138 0.03 13.57 3.54
C LEU B 138 0.87 14.41 2.58
N LYS B 139 0.27 14.82 1.46
CA LYS B 139 0.94 15.70 0.50
C LYS B 139 1.40 17.00 1.18
N ASN B 140 0.50 17.64 1.92
CA ASN B 140 0.85 18.89 2.59
C ASN B 140 1.97 18.65 3.61
N VAL B 141 1.95 17.49 4.28
CA VAL B 141 2.99 17.17 5.26
C VAL B 141 4.36 17.06 4.59
N PHE B 142 4.40 16.41 3.43
CA PHE B 142 5.64 16.27 2.66
C PHE B 142 6.08 17.63 2.12
N ASP B 143 5.12 18.44 1.67
CA ASP B 143 5.48 19.78 1.20
C ASP B 143 6.11 20.61 2.33
N TYR B 144 5.54 20.50 3.52
CA TYR B 144 5.95 21.28 4.68
C TYR B 144 7.36 20.85 5.08
N LEU B 145 7.59 19.55 5.18
CA LEU B 145 8.94 19.04 5.46
C LEU B 145 9.96 19.36 4.39
N TYR B 146 9.55 19.35 3.13
CA TYR B 146 10.44 19.74 2.03
C TYR B 146 10.93 21.18 2.21
N GLU B 147 10.00 22.06 2.56
CA GLU B 147 10.28 23.49 2.70
C GLU B 147 11.24 23.70 3.87
N LEU B 148 11.09 22.87 4.91
CA LEU B 148 11.93 22.93 6.10
C LEU B 148 13.27 22.23 5.92
N ASN B 149 13.48 21.64 4.74
N ASN B 149 13.54 21.73 4.71
CA ASN B 149 14.68 20.90 4.37
CA ASN B 149 14.70 20.88 4.41
C ASN B 149 14.96 19.63 5.20
C ASN B 149 14.96 19.79 5.45
N ILE B 150 13.91 19.03 5.73
CA ILE B 150 14.05 17.90 6.63
C ILE B 150 13.92 16.64 5.79
N PRO B 151 14.92 15.73 5.87
CA PRO B 151 14.95 14.46 5.15
C PRO B 151 13.72 13.66 5.50
N THR B 152 13.13 12.99 4.51
CA THR B 152 11.83 12.31 4.71
C THR B 152 11.89 10.84 4.33
N ILE B 153 11.06 10.04 4.98
CA ILE B 153 10.90 8.63 4.65
C ILE B 153 9.40 8.35 4.58
N LEU B 154 8.93 7.75 3.48
CA LEU B 154 7.56 7.24 3.45
C LEU B 154 7.58 5.73 3.78
N ASP B 155 6.96 5.37 4.89
CA ASP B 155 6.93 3.97 5.29
C ASP B 155 5.65 3.37 4.73
N MET B 156 5.79 2.65 3.62
CA MET B 156 4.63 2.09 2.91
C MET B 156 4.86 0.61 2.58
N LYS B 157 6.10 0.10 2.73
CA LYS B 157 6.39 -1.32 2.56
C LYS B 157 5.89 -1.82 1.19
N ILE B 158 6.20 -1.02 0.17
CA ILE B 158 5.67 -1.27 -1.18
C ILE B 158 6.26 -2.53 -1.74
N ASN B 159 5.46 -3.22 -2.56
CA ASN B 159 5.90 -4.39 -3.31
C ASN B 159 4.95 -4.66 -4.48
N ASP B 160 5.51 -4.94 -5.66
CA ASP B 160 4.70 -5.47 -6.76
C ASP B 160 5.65 -5.87 -7.90
N ILE B 161 5.11 -6.23 -9.06
CA ILE B 161 5.94 -6.45 -10.23
C ILE B 161 6.39 -5.09 -10.76
N GLY B 162 7.42 -5.12 -11.60
CA GLY B 162 8.03 -3.88 -12.10
C GLY B 162 7.07 -2.88 -12.72
N ASN B 163 6.23 -3.30 -13.66
CA ASN B 163 5.36 -2.34 -14.36
C ASN B 163 4.46 -1.59 -13.38
N THR B 164 3.97 -2.33 -12.38
CA THR B 164 3.09 -1.77 -11.37
C THR B 164 3.81 -0.84 -10.38
N VAL B 165 4.97 -1.26 -9.89
N VAL B 165 4.98 -1.26 -9.93
CA VAL B 165 5.68 -0.49 -8.86
CA VAL B 165 5.67 -0.52 -8.88
C VAL B 165 6.15 0.89 -9.33
C VAL B 165 6.19 0.84 -9.32
N LYS B 166 6.32 1.06 -10.64
CA LYS B 166 6.63 2.39 -11.18
C LYS B 166 5.62 3.45 -10.72
N ASN B 167 4.37 3.04 -10.54
CA ASN B 167 3.36 3.94 -10.00
C ASN B 167 3.67 4.42 -8.58
N TYR B 168 4.15 3.49 -7.74
CA TYR B 168 4.65 3.87 -6.43
C TYR B 168 5.87 4.78 -6.51
N ARG B 169 6.81 4.50 -7.42
CA ARG B 169 7.93 5.42 -7.64
C ARG B 169 7.43 6.83 -7.93
N LYS B 170 6.47 6.97 -8.85
CA LYS B 170 5.89 8.27 -9.14
C LYS B 170 5.22 8.93 -7.93
N PHE B 171 4.37 8.17 -7.24
CA PHE B 171 3.69 8.75 -6.09
C PHE B 171 4.68 9.24 -5.04
N ILE B 172 5.64 8.40 -4.73
CA ILE B 172 6.53 8.62 -3.59
C ILE B 172 7.60 9.66 -3.93
N PHE B 173 8.23 9.51 -5.09
CA PHE B 173 9.42 10.30 -5.40
C PHE B 173 9.17 11.52 -6.28
N GLU B 174 8.09 11.49 -7.05
CA GLU B 174 7.70 12.63 -7.88
C GLU B 174 6.61 13.49 -7.23
N TYR B 175 5.49 12.86 -6.84
CA TYR B 175 4.36 13.57 -6.27
C TYR B 175 4.68 14.05 -4.84
N LEU B 176 5.01 13.15 -3.92
CA LEU B 176 5.34 13.59 -2.56
C LEU B 176 6.73 14.21 -2.44
N LYS B 177 7.58 13.89 -3.39
CA LYS B 177 8.99 14.29 -3.34
C LYS B 177 9.66 13.79 -2.07
N SER B 178 9.29 12.57 -1.65
CA SER B 178 9.99 11.93 -0.55
C SER B 178 11.46 11.70 -0.89
N ASP B 179 12.30 11.70 0.13
CA ASP B 179 13.70 11.27 -0.06
C ASP B 179 13.89 9.77 -0.16
N SER B 180 13.00 9.02 0.49
CA SER B 180 13.13 7.56 0.58
C SER B 180 11.82 6.88 0.93
N CYS B 181 11.82 5.55 0.83
CA CYS B 181 10.66 4.74 1.23
C CYS B 181 11.11 3.40 1.77
N THR B 182 10.19 2.68 2.40
CA THR B 182 10.42 1.30 2.79
C THR B 182 9.76 0.40 1.73
N VAL B 183 10.39 -0.75 1.54
CA VAL B 183 10.08 -1.69 0.48
C VAL B 183 10.15 -3.09 1.07
N ASN B 184 9.21 -3.94 0.65
CA ASN B 184 9.24 -5.35 1.02
C ASN B 184 9.70 -6.13 -0.21
N ILE B 185 10.89 -6.73 -0.15
CA ILE B 185 11.46 -7.38 -1.35
C ILE B 185 11.27 -8.90 -1.37
N TYR B 186 10.31 -9.41 -0.59
CA TYR B 186 10.02 -10.85 -0.66
C TYR B 186 9.71 -11.37 -2.08
N MET B 187 9.01 -10.60 -2.89
CA MET B 187 8.74 -11.01 -4.28
C MET B 187 10.04 -11.19 -5.07
N GLY B 188 11.04 -10.38 -4.74
CA GLY B 188 12.34 -10.41 -5.40
C GLY B 188 12.97 -9.05 -5.34
N THR B 189 14.23 -8.99 -5.79
CA THR B 189 14.93 -7.71 -5.79
C THR B 189 14.80 -6.88 -7.06
N ASN B 190 14.44 -7.52 -8.17
N ASN B 190 14.42 -7.54 -8.15
CA ASN B 190 14.34 -6.77 -9.43
CA ASN B 190 14.24 -6.86 -9.42
C ASN B 190 13.34 -5.60 -9.35
C ASN B 190 13.39 -5.60 -9.29
N MET B 191 12.36 -5.66 -8.46
CA MET B 191 11.44 -4.53 -8.28
C MET B 191 12.18 -3.22 -7.96
N LEU B 192 13.32 -3.35 -7.28
CA LEU B 192 14.08 -2.15 -6.91
C LEU B 192 14.53 -1.32 -8.12
N LYS B 193 14.70 -1.97 -9.27
CA LYS B 193 15.11 -1.24 -10.47
C LYS B 193 14.02 -0.27 -10.89
N ASP B 194 12.78 -0.53 -10.49
CA ASP B 194 11.66 0.34 -10.85
C ASP B 194 11.18 1.17 -9.68
N ILE B 195 11.97 1.18 -8.60
CA ILE B 195 11.65 2.01 -7.43
C ILE B 195 12.76 3.05 -7.24
N CYS B 196 14.00 2.54 -7.16
CA CYS B 196 15.18 3.34 -6.86
C CYS B 196 15.86 3.96 -8.09
N TYR B 197 15.32 3.72 -9.27
CA TYR B 197 15.95 4.20 -10.50
C TYR B 197 14.88 4.53 -11.55
N ASP B 198 15.03 5.69 -12.21
CA ASP B 198 14.15 6.07 -13.29
C ASP B 198 15.06 6.28 -14.51
N GLU B 199 15.03 5.29 -15.40
CA GLU B 199 15.98 5.24 -16.52
C GLU B 199 15.72 6.39 -17.47
N GLU B 200 14.44 6.62 -17.78
CA GLU B 200 14.08 7.71 -18.69
C GLU B 200 14.63 9.06 -18.23
N LYS B 201 14.56 9.33 -16.92
CA LYS B 201 14.91 10.64 -16.39
C LYS B 201 16.29 10.67 -15.77
N ASN B 202 16.97 9.52 -15.75
CA ASN B 202 18.25 9.36 -15.07
C ASN B 202 18.19 9.87 -13.63
N LYS B 203 17.16 9.41 -12.90
CA LYS B 203 17.01 9.76 -11.49
C LYS B 203 17.17 8.53 -10.60
N TYR B 204 17.70 8.73 -9.40
CA TYR B 204 18.01 7.66 -8.46
C TYR B 204 17.37 8.03 -7.13
N TYR B 205 16.88 7.02 -6.41
CA TYR B 205 16.19 7.26 -5.14
C TYR B 205 16.56 6.18 -4.13
N SER B 206 16.38 6.51 -2.85
CA SER B 206 16.80 5.61 -1.79
C SER B 206 15.64 4.81 -1.17
N ALA B 207 15.95 3.65 -0.60
CA ALA B 207 14.94 2.81 0.04
C ALA B 207 15.54 2.00 1.17
N PHE B 208 14.69 1.69 2.15
CA PHE B 208 15.10 0.73 3.17
C PHE B 208 14.25 -0.51 2.96
N VAL B 209 14.90 -1.66 2.83
CA VAL B 209 14.18 -2.93 2.67
C VAL B 209 13.95 -3.62 4.00
N LEU B 210 12.83 -4.33 4.15
CA LEU B 210 12.55 -5.05 5.40
C LEU B 210 13.54 -6.19 5.55
N VAL B 211 14.21 -6.25 6.69
CA VAL B 211 15.19 -7.30 6.92
C VAL B 211 14.76 -8.11 8.14
N LYS B 212 14.66 -7.46 9.28
CA LYS B 212 14.26 -8.18 10.50
C LYS B 212 13.29 -7.25 11.21
N THR B 213 12.05 -7.70 11.40
CA THR B 213 11.01 -6.82 11.91
C THR B 213 10.63 -7.09 13.38
N THR B 214 9.82 -6.18 13.92
CA THR B 214 9.58 -6.12 15.36
C THR B 214 8.49 -7.05 15.88
N ASN B 215 7.65 -7.55 14.98
CA ASN B 215 6.50 -8.33 15.40
C ASN B 215 6.91 -9.65 16.06
N PRO B 216 6.12 -10.08 17.06
CA PRO B 216 6.53 -11.19 17.91
C PRO B 216 6.82 -12.47 17.14
N ASP B 217 6.16 -12.66 16.00
CA ASP B 217 6.36 -13.87 15.23
C ASP B 217 7.30 -13.68 14.05
N SER B 218 8.12 -12.64 14.10
CA SER B 218 9.03 -12.33 12.99
C SER B 218 9.98 -13.47 12.62
N ALA B 219 10.25 -14.36 13.56
CA ALA B 219 11.19 -15.46 13.34
C ALA B 219 10.69 -16.43 12.26
N ILE B 220 9.37 -16.55 12.14
CA ILE B 220 8.73 -17.60 11.35
C ILE B 220 9.28 -17.72 9.92
N PHE B 221 9.52 -16.59 9.28
CA PHE B 221 10.08 -16.57 7.94
C PHE B 221 11.47 -15.93 7.92
N GLN B 222 11.72 -14.95 8.79
CA GLN B 222 12.96 -14.21 8.74
C GLN B 222 14.19 -14.93 9.32
N LYS B 223 13.92 -15.84 10.24
CA LYS B 223 15.00 -16.59 10.91
C LYS B 223 14.95 -18.11 10.67
N ASN B 224 13.74 -18.67 10.65
CA ASN B 224 13.52 -20.12 10.53
C ASN B 224 13.79 -20.65 9.12
N LEU B 225 13.63 -19.78 8.11
CA LEU B 225 13.99 -20.12 6.73
C LEU B 225 15.47 -19.80 6.57
N SER B 226 16.16 -20.55 5.70
CA SER B 226 17.56 -20.28 5.41
C SER B 226 18.03 -20.76 4.03
N LEU B 227 19.25 -20.34 3.67
CA LEU B 227 19.96 -20.79 2.49
C LEU B 227 21.45 -20.86 2.82
N ASP B 228 22.07 -22.01 2.59
CA ASP B 228 23.54 -22.13 2.81
C ASP B 228 23.94 -21.79 4.24
N ASN B 229 23.19 -22.30 5.22
CA ASN B 229 23.42 -21.91 6.62
C ASN B 229 23.48 -20.40 6.94
N LYS B 230 22.75 -19.59 6.18
CA LYS B 230 22.50 -18.22 6.62
C LYS B 230 20.99 -18.06 6.71
N GLN B 231 20.54 -17.42 7.78
CA GLN B 231 19.11 -17.15 7.97
C GLN B 231 18.60 -16.23 6.88
N ALA B 232 17.31 -16.32 6.58
CA ALA B 232 16.70 -15.54 5.50
C ALA B 232 17.01 -14.04 5.59
N TYR B 233 17.01 -13.45 6.77
CA TYR B 233 17.18 -12.01 6.82
C TYR B 233 18.55 -11.62 6.28
N VAL B 234 19.51 -12.53 6.48
CA VAL B 234 20.86 -12.26 5.96
C VAL B 234 20.92 -12.36 4.45
N ILE B 235 20.33 -13.43 3.92
CA ILE B 235 20.18 -13.59 2.46
C ILE B 235 19.50 -12.35 1.85
N MET B 236 18.43 -11.89 2.49
CA MET B 236 17.67 -10.75 1.98
C MET B 236 18.47 -9.43 1.99
N ALA B 237 19.15 -9.14 3.10
CA ALA B 237 20.06 -8.00 3.18
C ALA B 237 21.14 -8.05 2.10
N GLN B 238 21.79 -9.21 1.94
CA GLN B 238 22.85 -9.31 0.92
C GLN B 238 22.30 -9.11 -0.49
N GLU B 239 21.15 -9.71 -0.80
CA GLU B 239 20.58 -9.50 -2.12
C GLU B 239 20.19 -8.05 -2.38
N ALA B 240 19.75 -7.32 -1.35
CA ALA B 240 19.37 -5.92 -1.51
C ALA B 240 20.61 -5.11 -1.83
N LEU B 241 21.70 -5.39 -1.11
CA LEU B 241 22.98 -4.75 -1.44
C LEU B 241 23.53 -5.10 -2.83
N ASN B 242 23.39 -6.35 -3.25
CA ASN B 242 23.76 -6.74 -4.60
C ASN B 242 23.02 -5.87 -5.63
N MET B 243 21.72 -5.71 -5.42
CA MET B 243 20.91 -4.85 -6.27
C MET B 243 21.34 -3.39 -6.21
N SER B 244 21.73 -2.90 -5.03
CA SER B 244 22.19 -1.52 -4.92
C SER B 244 23.42 -1.27 -5.79
N SER B 245 24.34 -2.23 -5.72
CA SER B 245 25.57 -2.20 -6.50
C SER B 245 25.23 -2.22 -7.97
N TYR B 246 24.36 -3.14 -8.38
CA TYR B 246 23.90 -3.21 -9.75
C TYR B 246 23.36 -1.88 -10.28
N LEU B 247 22.57 -1.18 -9.47
CA LEU B 247 21.99 0.12 -9.85
C LEU B 247 22.94 1.32 -9.73
N ASN B 248 24.09 1.10 -9.11
CA ASN B 248 25.04 2.18 -8.85
C ASN B 248 24.45 3.33 -8.04
N LEU B 249 23.63 3.00 -7.04
CA LEU B 249 22.99 4.02 -6.21
C LEU B 249 23.97 4.91 -5.47
N GLU B 250 24.97 4.30 -4.86
CA GLU B 250 25.85 5.03 -3.95
C GLU B 250 26.76 5.98 -4.74
N GLN B 251 27.11 5.55 -5.95
CA GLN B 251 27.73 6.39 -6.98
C GLN B 251 26.91 7.64 -7.23
N ASN B 252 25.58 7.53 -7.06
CA ASN B 252 24.67 8.66 -7.27
C ASN B 252 24.08 9.24 -5.99
N ASN B 253 24.79 9.06 -4.88
CA ASN B 253 24.43 9.68 -3.59
C ASN B 253 23.08 9.19 -3.07
N GLU B 254 22.73 7.95 -3.40
CA GLU B 254 21.53 7.29 -2.87
C GLU B 254 21.95 5.92 -2.34
N PHE B 255 21.03 5.20 -1.68
CA PHE B 255 21.42 3.92 -1.13
C PHE B 255 20.19 3.02 -0.96
N ILE B 256 20.46 1.73 -0.87
CA ILE B 256 19.49 0.80 -0.32
C ILE B 256 19.97 0.39 1.07
N GLY B 257 19.11 0.64 2.06
CA GLY B 257 19.36 0.29 3.44
C GLY B 257 18.43 -0.79 3.99
N PHE B 258 18.58 -1.05 5.28
CA PHE B 258 17.86 -2.17 5.92
C PHE B 258 16.98 -1.70 7.06
N VAL B 259 15.77 -2.26 7.17
CA VAL B 259 14.98 -2.12 8.38
C VAL B 259 15.27 -3.31 9.31
N VAL B 260 15.81 -2.99 10.48
CA VAL B 260 16.09 -3.94 11.56
C VAL B 260 15.45 -3.43 12.84
N GLY B 261 14.55 -4.23 13.40
CA GLY B 261 13.75 -3.89 14.57
C GLY B 261 14.64 -3.56 15.76
N ALA B 262 14.17 -2.63 16.58
CA ALA B 262 14.97 -2.11 17.68
C ALA B 262 15.08 -3.16 18.77
N ASN B 263 14.14 -4.10 18.78
CA ASN B 263 14.11 -5.20 19.75
C ASN B 263 14.90 -6.42 19.28
N SER B 264 15.61 -6.30 18.16
CA SER B 264 16.26 -7.43 17.52
C SER B 264 17.78 -7.30 17.64
N TYR B 265 18.26 -7.40 18.87
CA TYR B 265 19.65 -7.05 19.14
C TYR B 265 20.68 -7.94 18.44
N ASP B 266 20.48 -9.25 18.48
CA ASP B 266 21.38 -10.17 17.80
C ASP B 266 21.49 -9.87 16.31
N GLU B 267 20.35 -9.61 15.67
CA GLU B 267 20.36 -9.33 14.24
C GLU B 267 20.97 -7.97 13.91
N MET B 268 20.74 -6.99 14.78
CA MET B 268 21.29 -5.67 14.60
C MET B 268 22.81 -5.79 14.69
N ASN B 269 23.27 -6.54 15.69
CA ASN B 269 24.70 -6.80 15.92
C ASN B 269 25.29 -7.50 14.70
N TYR B 270 24.64 -8.57 14.25
CA TYR B 270 25.07 -9.27 13.04
C TYR B 270 25.13 -8.39 11.79
N ILE B 271 24.09 -7.59 11.57
CA ILE B 271 24.05 -6.77 10.37
C ILE B 271 25.12 -5.69 10.35
N ARG B 272 25.32 -5.01 11.46
CA ARG B 272 26.33 -3.97 11.57
C ARG B 272 27.74 -4.53 11.47
N THR B 273 27.97 -5.70 12.04
CA THR B 273 29.27 -6.39 11.95
C THR B 273 29.55 -6.85 10.52
N TYR B 274 28.57 -7.47 9.88
CA TYR B 274 28.82 -8.06 8.56
C TYR B 274 28.60 -7.17 7.35
N PHE B 275 27.81 -6.12 7.50
CA PHE B 275 27.69 -5.06 6.51
C PHE B 275 28.10 -3.76 7.20
N PRO B 276 29.42 -3.52 7.32
CA PRO B 276 29.82 -2.54 8.33
C PRO B 276 29.35 -1.11 8.04
N ASN B 277 29.15 -0.79 6.77
CA ASN B 277 28.82 0.57 6.34
C ASN B 277 27.39 0.73 5.83
N CYS B 278 26.53 -0.22 6.16
CA CYS B 278 25.12 -0.16 5.74
C CYS B 278 24.34 0.91 6.49
N TYR B 279 23.28 1.38 5.83
CA TYR B 279 22.29 2.27 6.44
C TYR B 279 21.17 1.43 7.02
N ILE B 280 20.89 1.66 8.29
CA ILE B 280 19.85 0.93 9.04
C ILE B 280 18.81 1.90 9.57
N LEU B 281 17.55 1.51 9.44
CA LEU B 281 16.40 2.17 10.04
C LEU B 281 15.81 1.24 11.10
N SER B 282 15.65 1.72 12.33
CA SER B 282 15.25 0.84 13.41
C SER B 282 14.04 1.37 14.18
N PRO B 283 12.86 0.86 13.82
CA PRO B 283 11.64 1.16 14.56
C PRO B 283 11.47 0.20 15.73
N GLY B 284 10.67 0.61 16.72
CA GLY B 284 10.26 -0.30 17.78
C GLY B 284 10.67 0.08 19.20
N ILE B 285 11.35 1.22 19.38
CA ILE B 285 11.58 1.81 20.71
C ILE B 285 10.37 2.64 21.14
N GLY B 286 10.11 2.69 22.45
CA GLY B 286 9.04 3.54 22.97
C GLY B 286 7.81 2.67 23.09
N ALA B 287 6.90 2.81 22.14
CA ALA B 287 5.67 2.04 22.14
C ALA B 287 5.89 0.52 22.20
N GLN B 288 6.96 0.02 21.60
CA GLN B 288 7.17 -1.44 21.50
C GLN B 288 8.29 -2.01 22.37
N ASN B 289 8.75 -1.24 23.34
CA ASN B 289 9.70 -1.75 24.35
C ASN B 289 11.17 -1.88 23.98
N GLY B 290 11.51 -1.86 22.68
CA GLY B 290 12.91 -1.87 22.26
C GLY B 290 13.74 -1.09 23.27
N ASP B 291 14.98 -1.49 23.46
CA ASP B 291 15.85 -0.87 24.47
C ASP B 291 16.81 0.08 23.75
N LEU B 292 16.68 1.37 24.01
CA LEU B 292 17.36 2.39 23.20
C LEU B 292 18.87 2.26 23.25
N HIS B 293 19.40 2.14 24.48
CA HIS B 293 20.82 1.92 24.63
C HIS B 293 21.33 0.72 23.84
N LYS B 294 20.70 -0.44 24.00
CA LYS B 294 21.16 -1.67 23.34
C LYS B 294 21.07 -1.58 21.81
N THR B 295 19.94 -1.09 21.33
CA THR B 295 19.74 -0.89 19.90
C THR B 295 20.80 0.03 19.31
N LEU B 296 20.95 1.22 19.88
CA LEU B 296 21.90 2.15 19.31
C LEU B 296 23.31 1.62 19.45
N THR B 297 23.63 0.95 20.57
CA THR B 297 24.96 0.37 20.71
C THR B 297 25.26 -0.73 19.69
N ASN B 298 24.32 -1.65 19.48
CA ASN B 298 24.53 -2.76 18.55
C ASN B 298 24.55 -2.29 17.09
N GLY B 299 23.83 -1.20 16.82
CA GLY B 299 23.77 -0.66 15.46
C GLY B 299 24.69 0.50 15.13
N TYR B 300 25.51 0.88 16.11
CA TYR B 300 26.30 2.10 16.06
C TYR B 300 27.21 2.20 14.84
N HIS B 301 27.25 3.39 14.28
CA HIS B 301 28.25 3.75 13.29
C HIS B 301 28.67 5.19 13.58
N LYS B 302 29.94 5.50 13.32
CA LYS B 302 30.40 6.86 13.56
C LYS B 302 29.70 7.88 12.66
N SER B 303 29.36 7.48 11.44
CA SER B 303 28.43 8.27 10.63
C SER B 303 27.02 7.81 11.05
N TYR B 304 26.50 8.41 12.12
CA TYR B 304 25.35 7.80 12.78
C TYR B 304 23.98 8.06 12.11
N GLU B 305 24.00 8.80 11.00
CA GLU B 305 22.85 8.79 10.09
C GLU B 305 22.59 7.38 9.55
N LYS B 306 23.60 6.53 9.69
CA LYS B 306 23.53 5.12 9.31
C LYS B 306 22.78 4.24 10.31
N ILE B 307 22.33 4.81 11.43
CA ILE B 307 21.53 4.08 12.41
C ILE B 307 20.40 4.99 12.86
N LEU B 308 19.37 5.08 12.04
CA LEU B 308 18.21 5.91 12.39
C LEU B 308 17.34 5.21 13.43
N ILE B 309 17.09 5.90 14.54
CA ILE B 309 16.23 5.39 15.60
C ILE B 309 14.84 6.02 15.49
N ASN B 310 13.86 5.23 15.07
CA ASN B 310 12.54 5.77 14.85
C ASN B 310 11.74 5.76 16.15
N ILE B 311 11.15 6.92 16.47
CA ILE B 311 10.27 7.05 17.62
C ILE B 311 8.97 7.70 17.19
N GLY B 312 7.85 6.99 17.26
CA GLY B 312 6.55 7.49 16.80
C GLY B 312 5.63 7.87 17.94
N ARG B 313 4.86 6.89 18.40
CA ARG B 313 3.83 7.11 19.41
C ARG B 313 4.40 7.66 20.73
N ALA B 314 5.63 7.27 21.09
CA ALA B 314 6.24 7.81 22.33
C ALA B 314 6.40 9.33 22.27
N ILE B 315 6.38 9.88 21.05
CA ILE B 315 6.36 11.33 20.85
C ILE B 315 4.94 11.81 20.53
N THR B 316 4.26 11.21 19.56
CA THR B 316 2.99 11.75 19.10
C THR B 316 1.81 11.54 20.05
N LYS B 317 1.88 10.51 20.89
CA LYS B 317 0.83 10.24 21.89
C LYS B 317 1.23 10.73 23.28
N ASN B 318 2.38 11.38 23.37
CA ASN B 318 2.83 12.02 24.60
C ASN B 318 2.17 13.39 24.76
N PRO B 319 1.62 13.71 25.95
CA PRO B 319 0.90 14.99 26.00
C PRO B 319 1.83 16.19 25.89
N TYR B 320 3.14 15.96 25.99
CA TYR B 320 4.17 16.99 25.86
C TYR B 320 5.17 16.58 24.76
N PRO B 321 4.74 16.63 23.48
CA PRO B 321 5.60 16.09 22.41
C PRO B 321 6.98 16.75 22.24
N GLN B 322 7.07 18.07 22.41
CA GLN B 322 8.38 18.73 22.35
C GLN B 322 9.33 18.15 23.41
N LYS B 323 8.85 18.02 24.65
CA LYS B 323 9.73 17.53 25.73
C LYS B 323 10.12 16.07 25.51
N ALA B 324 9.17 15.27 25.03
CA ALA B 324 9.43 13.88 24.64
C ALA B 324 10.49 13.79 23.55
N ALA B 325 10.39 14.60 22.49
CA ALA B 325 11.43 14.57 21.46
C ALA B 325 12.79 14.98 22.02
N GLN B 326 12.80 16.04 22.83
CA GLN B 326 14.05 16.53 23.40
C GLN B 326 14.78 15.46 24.20
N MET B 327 14.01 14.72 25.00
CA MET B 327 14.58 13.68 25.85
C MET B 327 15.17 12.54 25.05
N TYR B 328 14.47 12.13 23.98
CA TYR B 328 15.05 11.13 23.09
C TYR B 328 16.30 11.65 22.40
N TYR B 329 16.26 12.92 21.99
CA TYR B 329 17.44 13.54 21.37
C TYR B 329 18.60 13.48 22.40
N ASP B 330 18.30 13.86 23.63
CA ASP B 330 19.34 14.00 24.65
C ASP B 330 19.93 12.64 25.02
N GLN B 331 19.03 11.67 25.19
CA GLN B 331 19.41 10.27 25.45
C GLN B 331 20.26 9.68 24.32
N ILE B 332 19.78 9.79 23.08
CA ILE B 332 20.55 9.30 21.94
C ILE B 332 21.94 9.93 21.93
N ASN B 333 22.00 11.24 22.18
CA ASN B 333 23.27 11.93 22.10
C ASN B 333 24.24 11.50 23.22
N ALA B 334 23.72 11.29 24.43
CA ALA B 334 24.51 10.71 25.52
C ALA B 334 25.06 9.33 25.15
N ILE B 335 24.20 8.45 24.64
CA ILE B 335 24.60 7.12 24.16
C ILE B 335 25.61 7.24 23.00
N LEU B 336 25.35 8.10 22.01
CA LEU B 336 26.31 8.28 20.92
C LEU B 336 27.69 8.71 21.43
N LYS B 337 27.68 9.50 22.50
CA LYS B 337 28.91 10.02 23.09
C LYS B 337 29.74 8.87 23.67
N GLN B 338 29.12 8.02 24.50
CA GLN B 338 29.79 6.83 25.01
C GLN B 338 30.52 6.05 23.91
N ASN B 339 29.78 5.70 22.85
CA ASN B 339 30.40 5.12 21.66
C ASN B 339 31.27 6.16 20.96
P XMP C . -2.01 -7.68 -16.44
O1P XMP C . -2.48 -6.34 -16.97
O2P XMP C . -2.88 -8.82 -16.88
O5' XMP C . -2.14 -7.44 -14.85
O3P XMP C . -0.52 -7.96 -16.54
C5' XMP C . -1.32 -8.01 -13.84
C4' XMP C . -1.92 -7.52 -12.52
O4' XMP C . -1.64 -8.52 -11.55
C1' XMP C . -0.54 -8.02 -10.74
N9 XMP C . 0.46 -9.10 -10.70
C4 XMP C . 0.62 -9.85 -9.62
N3 XMP C . 0.08 -9.77 -8.37
N1 XMP C . 1.34 -11.64 -7.67
C2 XMP C . 0.42 -10.68 -7.42
O2 XMP C . -0.15 -10.64 -6.30
C6 XMP C . 1.98 -11.75 -8.87
O6 XMP C . 2.80 -12.63 -9.12
C5 XMP C . 1.60 -10.79 -9.92
N7 XMP C . 1.96 -10.60 -11.20
C8 XMP C . 1.26 -9.55 -11.69
C2' XMP C . -0.03 -6.72 -11.36
O2' XMP C . 0.49 -5.84 -10.34
C3' XMP C . -1.32 -6.21 -12.01
O3' XMP C . -2.17 -5.61 -11.01
C1 PEG D . -6.95 -4.08 -31.93
O1 PEG D . -6.33 -4.06 -30.64
C2 PEG D . -8.41 -4.55 -31.91
O2 PEG D . -8.61 -5.91 -31.48
C3 PEG D . -7.75 -6.88 -32.06
C4 PEG D . -8.25 -8.28 -31.73
O4 PEG D . -7.99 -8.58 -30.35
P PO4 E . 11.71 3.84 -16.55
O1 PO4 E . 10.30 4.13 -16.06
O2 PO4 E . 11.64 2.60 -17.42
O3 PO4 E . 12.17 5.04 -17.34
O4 PO4 E . 12.66 3.57 -15.40
P XMP F . 5.86 3.48 17.06
O1P XMP F . 4.65 4.37 17.17
O2P XMP F . 7.14 4.12 17.53
O5' XMP F . 6.03 3.36 15.47
O3P XMP F . 5.75 2.04 17.55
C5' XMP F . 6.51 2.24 14.75
C4' XMP F . 6.39 2.69 13.30
O4' XMP F . 7.25 1.82 12.61
C1' XMP F . 6.46 0.80 11.99
N9 XMP F . 7.11 -0.46 12.42
C4 XMP F . 7.90 -1.10 11.56
N3 XMP F . 8.26 -0.89 10.27
N1 XMP F . 9.65 -2.81 10.29
C2 XMP F . 9.12 -1.74 9.65
O2 XMP F . 9.46 -1.52 8.46
C6 XMP F . 9.32 -3.06 11.58
O6 XMP F . 9.77 -4.02 12.23
C5 XMP F . 8.39 -2.16 12.29
N7 XMP F . 7.92 -2.14 13.56
C8 XMP F . 7.11 -1.06 13.62
C2' XMP F . 5.01 0.97 12.38
O2' XMP F . 4.17 0.59 11.27
C3' XMP F . 5.02 2.47 12.66
O3' XMP F . 4.93 3.27 11.47
#